data_5GUV
#
_entry.id   5GUV
#
_cell.length_a   79.039
_cell.length_b   79.039
_cell.length_c   393.276
_cell.angle_alpha   90.00
_cell.angle_beta   90.00
_cell.angle_gamma   90.00
#
_symmetry.space_group_name_H-M   'P 41 21 2'
#
loop_
_entity.id
_entity.type
_entity.pdbx_description
1 polymer 'DNA (cytosine-5)-methyltransferase 1'
2 non-polymer 'ZINC ION'
3 water water
#
_entity_poly.entity_id   1
_entity_poly.type   'polypeptide(L)'
_entity_poly.pdbx_seq_one_letter_code
;KDRISWLGQPMKIEENRTYYQKVSIDEEMLEVGDCVSVIPDDSSKPLYLARVTALWEDKNGQMMFHAHWFCAGTDTVLGA
TSDPLELFLVGECENMQLSYIHSKVKVIYKAPSENWAMEGGTDPETTLPGAEDGKTYFFQLWYNQEYARFESPPKTQPTE
DNKHKFCLSCIRLAELRQKEMPKVLEQIEEVDGRVYCSSITKNGVVYRLGDSVYLPPEAFTFNIKVASPVKRPKKDPVNE
TLYPEHYRKYSDYIKGSNLDAPEPYRIGRIKEIHCGKKKGKVNEADIKLRLYKFYRPENTHRSYNGSYHTDINMLYWSDE
EAVVNFSDVQGRCTVEYGEDLLESIQDYSQGGPDRFYFLEAYNSKTKNFEDPPNHARSPGNKGKGKGKGKGKGKHQVSEP
KEPEAAIKLPKLRTLDVFSGCGGLSEGFHQAGISETLWAIEMWDPAAQAFRLNNPGTTVFTEDCNVLLKLVMAGEVTNSL
GQRLPQKGDVEMLCGGPPCQGFSGMNRFNSRTYSKFKNSLVVSFLSYCDYYRPRFFLLENVRNFVSYRDSMVLKLTLRCL
VRMGYQCTFGVLQAGQYGVAQTRRRAIILAAAPGEKLPLFPEPLHVFAPRACQLSVVVDDKKFVSNITRLSSGPFRTITV
RDTMSDLPEIQNGASNSEIPYNGEPLSWFQRQLRGSHYQPILRDHICKDMSPLVAARMRHIPLFPGSDWRDLPNIQVRLG
DGVIAHKLQYTFHDVKNGYSSTGALRGVCSCAEGKACDPESRQFSTLIPWCLPHTGNRHNHWAGLYGRLEWDGFFSTTVT
NPEPMGKQGRVLHPEQHRVVSVRECARSQGFPDSYRFFGNILDRHRQVGNAVPPPLAKAIGLEIKLCLLSSA
;
_entity_poly.pdbx_strand_id   A
#
loop_
_chem_comp.id
_chem_comp.type
_chem_comp.name
_chem_comp.formula
ZN non-polymer 'ZINC ION' 'Zn 2'
#
# COMPACT_ATOMS: atom_id res chain seq x y z
N ARG A 3 4.18 23.82 -50.82
CA ARG A 3 3.84 23.16 -52.09
C ARG A 3 3.50 21.68 -51.82
N ILE A 4 2.24 21.45 -51.46
CA ILE A 4 1.73 20.17 -50.94
C ILE A 4 0.75 19.49 -51.92
N SER A 5 1.14 18.33 -52.49
CA SER A 5 0.33 17.59 -53.44
C SER A 5 0.34 16.09 -53.09
N TRP A 6 -0.83 15.44 -53.24
CA TRP A 6 -1.00 14.01 -52.90
C TRP A 6 -0.19 13.07 -53.81
N LEU A 7 -0.05 11.84 -53.32
CA LEU A 7 0.61 10.78 -54.07
C LEU A 7 -0.22 9.52 -54.05
N GLY A 8 -0.29 8.89 -55.22
CA GLY A 8 -0.94 7.64 -55.54
C GLY A 8 -2.44 7.88 -55.48
N GLN A 9 -3.24 6.91 -55.86
CA GLN A 9 -4.71 7.04 -55.80
C GLN A 9 -5.23 6.91 -54.35
N PRO A 10 -6.29 7.65 -53.98
CA PRO A 10 -6.84 7.55 -52.60
C PRO A 10 -7.15 6.15 -52.13
N MET A 11 -6.82 5.91 -50.85
CA MET A 11 -7.07 4.66 -50.14
C MET A 11 -8.53 4.39 -49.77
N LYS A 12 -9.28 5.40 -49.29
CA LYS A 12 -10.68 5.26 -48.87
C LYS A 12 -11.35 6.62 -48.89
N ILE A 13 -12.66 6.60 -49.15
CA ILE A 13 -13.50 7.79 -49.24
C ILE A 13 -14.60 7.83 -48.18
N GLU A 14 -14.77 8.98 -47.53
CA GLU A 14 -15.85 9.18 -46.58
C GLU A 14 -16.76 10.25 -47.19
N GLU A 15 -17.63 10.89 -46.41
CA GLU A 15 -18.43 11.96 -47.02
C GLU A 15 -17.63 13.26 -47.06
N ASN A 16 -16.87 13.54 -46.01
CA ASN A 16 -16.13 14.77 -45.86
C ASN A 16 -14.62 14.57 -45.95
N ARG A 17 -14.15 13.32 -45.96
CA ARG A 17 -12.71 13.09 -46.00
C ARG A 17 -12.35 12.03 -47.02
N THR A 18 -11.22 12.22 -47.71
CA THR A 18 -10.56 11.19 -48.52
C THR A 18 -9.15 10.89 -48.00
N TYR A 19 -8.90 9.66 -47.58
CA TYR A 19 -7.63 9.29 -46.95
C TYR A 19 -6.62 8.84 -48.01
N TYR A 20 -5.32 9.14 -47.78
CA TYR A 20 -4.21 8.74 -48.66
C TYR A 20 -3.08 8.04 -47.90
N GLN A 21 -2.32 7.21 -48.63
CA GLN A 21 -1.21 6.45 -48.04
C GLN A 21 0.09 7.22 -48.13
N LYS A 22 0.23 8.06 -49.13
CA LYS A 22 1.45 8.83 -49.31
C LYS A 22 1.03 10.27 -49.58
N VAL A 23 1.85 11.23 -49.12
CA VAL A 23 1.66 12.63 -49.48
C VAL A 23 3.02 13.21 -49.83
N SER A 24 3.04 14.21 -50.72
CA SER A 24 4.28 14.92 -51.04
C SER A 24 4.32 16.32 -50.41
N ILE A 25 5.28 16.54 -49.51
CA ILE A 25 5.52 17.85 -48.88
C ILE A 25 6.89 18.28 -49.38
N ASP A 26 6.92 19.41 -50.10
CA ASP A 26 8.11 19.93 -50.79
C ASP A 26 8.85 18.85 -51.58
N GLU A 27 8.11 18.07 -52.38
CA GLU A 27 8.71 17.06 -53.26
C GLU A 27 9.34 15.91 -52.48
N GLU A 28 8.99 15.77 -51.21
CA GLU A 28 9.51 14.72 -50.35
C GLU A 28 8.40 13.77 -49.92
N MET A 29 8.62 12.49 -50.18
CA MET A 29 7.67 11.47 -49.82
C MET A 29 7.51 11.38 -48.29
N LEU A 30 6.25 11.35 -47.83
CA LEU A 30 5.90 11.14 -46.44
C LEU A 30 4.74 10.16 -46.50
N GLU A 31 4.71 9.20 -45.59
CA GLU A 31 3.83 8.04 -45.67
C GLU A 31 3.18 7.78 -44.32
N VAL A 32 1.98 7.21 -44.35
CA VAL A 32 1.43 6.81 -43.07
C VAL A 32 2.37 5.78 -42.49
N GLY A 33 2.77 6.00 -41.24
CA GLY A 33 3.75 5.19 -40.56
C GLY A 33 5.04 5.90 -40.27
N ASP A 34 5.34 6.96 -41.01
CA ASP A 34 6.51 7.80 -40.82
C ASP A 34 6.42 8.65 -39.56
N CYS A 35 7.56 9.09 -39.06
CA CYS A 35 7.56 9.96 -37.89
C CYS A 35 8.04 11.35 -38.28
N VAL A 36 7.54 12.34 -37.52
CA VAL A 36 7.62 13.74 -37.88
C VAL A 36 7.81 14.60 -36.64
N SER A 37 8.44 15.76 -36.84
CA SER A 37 8.65 16.79 -35.83
C SER A 37 7.86 18.04 -36.17
N VAL A 38 7.41 18.77 -35.12
CA VAL A 38 6.72 20.06 -35.21
C VAL A 38 7.32 21.06 -34.22
N ILE A 39 7.62 22.29 -34.66
CA ILE A 39 8.25 23.30 -33.80
C ILE A 39 7.29 24.03 -32.84
N PRO A 40 7.55 23.97 -31.55
CA PRO A 40 6.73 24.69 -30.55
C PRO A 40 6.76 26.21 -30.69
N ASP A 41 5.63 26.86 -30.35
CA ASP A 41 5.63 28.32 -30.31
C ASP A 41 6.59 28.80 -29.22
N ASP A 42 6.68 28.05 -28.13
CA ASP A 42 7.57 28.31 -26.99
C ASP A 42 8.97 27.80 -27.32
N SER A 43 9.87 28.69 -27.71
CA SER A 43 11.21 28.25 -28.13
C SER A 43 11.91 27.38 -27.08
N SER A 44 11.45 27.40 -25.81
CA SER A 44 12.08 26.66 -24.71
C SER A 44 11.61 25.22 -24.56
N LYS A 45 10.46 24.84 -25.12
CA LYS A 45 10.03 23.46 -24.99
C LYS A 45 10.75 22.52 -25.96
N PRO A 46 10.91 21.25 -25.57
CA PRO A 46 11.50 20.28 -26.49
C PRO A 46 10.65 20.11 -27.74
N LEU A 47 11.35 19.82 -28.83
CA LEU A 47 10.73 19.58 -30.14
C LEU A 47 9.58 18.57 -30.05
N TYR A 48 8.47 18.89 -30.69
CA TYR A 48 7.33 17.98 -30.74
C TYR A 48 7.61 16.82 -31.70
N LEU A 49 7.27 15.60 -31.31
CA LEU A 49 7.53 14.44 -32.16
C LEU A 49 6.32 13.53 -32.16
N ALA A 50 5.94 13.05 -33.35
CA ALA A 50 4.73 12.26 -33.53
C ALA A 50 4.99 11.22 -34.60
N ARG A 51 4.27 10.11 -34.54
CA ARG A 51 4.14 9.19 -35.66
C ARG A 51 2.87 9.56 -36.42
N VAL A 52 2.96 9.60 -37.76
CA VAL A 52 1.82 9.86 -38.63
C VAL A 52 0.96 8.61 -38.75
N THR A 53 -0.26 8.67 -38.20
CA THR A 53 -1.16 7.52 -38.23
C THR A 53 -2.18 7.55 -39.37
N ALA A 54 -2.34 8.69 -40.04
CA ALA A 54 -3.34 8.79 -41.10
C ALA A 54 -3.06 10.05 -41.90
N LEU A 55 -3.48 10.04 -43.16
CA LEU A 55 -3.40 11.18 -44.08
C LEU A 55 -4.73 11.30 -44.81
N TRP A 56 -5.31 12.49 -44.86
CA TRP A 56 -6.58 12.61 -45.58
C TRP A 56 -6.78 14.07 -46.02
N GLU A 57 -7.70 14.24 -46.98
CA GLU A 57 -8.16 15.55 -47.45
C GLU A 57 -9.61 15.84 -47.10
N ASP A 58 -9.85 17.08 -46.63
CA ASP A 58 -11.18 17.62 -46.34
C ASP A 58 -11.88 18.16 -47.59
N LYS A 59 -13.22 18.26 -47.54
CA LYS A 59 -13.94 18.85 -48.67
C LYS A 59 -13.57 20.29 -48.89
N ASN A 60 -13.21 21.00 -47.82
CA ASN A 60 -12.84 22.41 -47.75
C ASN A 60 -11.38 22.67 -48.08
N GLY A 61 -10.70 21.69 -48.65
CA GLY A 61 -9.33 21.86 -49.05
C GLY A 61 -8.30 21.74 -47.97
N GLN A 62 -8.65 21.29 -46.80
CA GLN A 62 -7.63 21.14 -45.80
C GLN A 62 -6.95 19.80 -45.94
N MET A 63 -5.62 19.79 -46.09
CA MET A 63 -4.85 18.56 -46.17
C MET A 63 -4.26 18.18 -44.81
N MET A 64 -4.73 17.07 -44.25
CA MET A 64 -4.53 16.75 -42.85
C MET A 64 -3.70 15.48 -42.64
N PHE A 65 -3.08 15.36 -41.46
CA PHE A 65 -2.61 14.07 -40.97
C PHE A 65 -3.00 13.96 -39.49
N HIS A 66 -3.07 12.73 -38.96
CA HIS A 66 -3.30 12.51 -37.54
C HIS A 66 -1.96 12.24 -36.85
N ALA A 67 -1.65 13.03 -35.80
CA ALA A 67 -0.36 13.02 -35.10
C ALA A 67 -0.44 12.31 -33.75
N HIS A 68 0.10 11.09 -33.67
CA HIS A 68 0.27 10.32 -32.43
C HIS A 68 1.58 10.67 -31.73
N TRP A 69 1.52 11.53 -30.70
CA TRP A 69 2.73 12.08 -30.08
C TRP A 69 3.55 11.07 -29.29
N PHE A 70 4.85 11.28 -29.32
CA PHE A 70 5.78 10.59 -28.44
C PHE A 70 5.97 11.47 -27.20
N CYS A 71 6.41 10.87 -26.12
CA CYS A 71 6.81 11.62 -24.95
C CYS A 71 8.33 11.56 -24.84
N ALA A 72 8.98 12.72 -24.71
CA ALA A 72 10.42 12.68 -24.51
C ALA A 72 10.72 12.18 -23.10
N GLY A 73 11.88 11.50 -22.95
CA GLY A 73 12.27 10.98 -21.64
C GLY A 73 12.18 11.97 -20.50
N THR A 74 12.70 13.18 -20.69
CA THR A 74 12.74 14.19 -19.62
C THR A 74 11.36 14.70 -19.20
N ASP A 75 10.31 14.34 -19.90
CA ASP A 75 8.95 14.71 -19.53
C ASP A 75 8.18 13.57 -18.83
N THR A 76 8.88 12.52 -18.40
CA THR A 76 8.36 11.41 -17.61
C THR A 76 9.01 11.49 -16.22
N VAL A 77 8.70 10.55 -15.32
CA VAL A 77 9.36 10.55 -14.00
C VAL A 77 10.88 10.62 -14.12
N LEU A 78 11.49 9.92 -15.10
CA LEU A 78 12.96 9.90 -15.25
C LEU A 78 13.54 11.33 -15.24
N GLY A 79 12.86 12.26 -15.90
CA GLY A 79 13.35 13.63 -15.98
C GLY A 79 14.73 13.79 -16.55
N ALA A 80 15.59 14.46 -15.80
CA ALA A 80 16.90 14.74 -16.37
C ALA A 80 17.84 13.55 -16.34
N THR A 81 17.43 12.41 -15.78
CA THR A 81 18.29 11.23 -15.78
C THR A 81 18.15 10.38 -17.03
N SER A 82 17.07 10.53 -17.82
CA SER A 82 16.73 9.68 -18.96
C SER A 82 17.63 10.01 -20.16
N ASP A 83 17.79 9.01 -21.04
CA ASP A 83 18.55 9.17 -22.29
C ASP A 83 17.93 10.19 -23.26
N PRO A 84 18.70 11.20 -23.71
CA PRO A 84 18.17 12.22 -24.65
C PRO A 84 17.49 11.66 -25.90
N LEU A 85 17.96 10.55 -26.44
CA LEU A 85 17.39 10.02 -27.68
C LEU A 85 16.26 9.03 -27.46
N GLU A 86 15.88 8.74 -26.19
CA GLU A 86 14.80 7.78 -25.96
C GLU A 86 13.49 8.50 -25.90
N LEU A 87 12.53 8.00 -26.68
CA LEU A 87 11.14 8.44 -26.64
C LEU A 87 10.26 7.35 -26.04
N PHE A 88 9.10 7.75 -25.54
CA PHE A 88 8.13 6.80 -25.02
C PHE A 88 6.78 7.06 -25.65
N LEU A 89 6.05 5.98 -25.90
CA LEU A 89 4.68 6.09 -26.38
C LEU A 89 3.81 6.64 -25.25
N VAL A 90 2.80 7.41 -25.63
CA VAL A 90 1.81 7.90 -24.68
C VAL A 90 0.51 7.99 -25.45
N GLY A 91 -0.59 7.97 -24.71
CA GLY A 91 -1.89 8.11 -25.33
C GLY A 91 -2.29 9.54 -25.58
N GLU A 92 -1.52 10.28 -26.37
CA GLU A 92 -1.86 11.65 -26.77
C GLU A 92 -1.67 11.86 -28.26
N CYS A 93 -2.74 12.29 -28.93
CA CYS A 93 -2.76 12.47 -30.36
C CYS A 93 -3.80 13.51 -30.69
N GLU A 94 -3.71 14.05 -31.91
CA GLU A 94 -4.67 15.06 -32.34
C GLU A 94 -4.48 15.24 -33.83
N ASN A 95 -5.45 15.89 -34.47
CA ASN A 95 -5.39 16.16 -35.89
C ASN A 95 -4.72 17.48 -36.19
N MET A 96 -3.78 17.43 -37.11
CA MET A 96 -3.08 18.62 -37.50
C MET A 96 -2.97 18.69 -39.02
N GLN A 97 -2.89 19.91 -39.51
CA GLN A 97 -2.66 20.22 -40.92
C GLN A 97 -1.20 20.01 -41.29
N LEU A 98 -0.99 19.24 -42.37
CA LEU A 98 0.33 18.94 -42.90
C LEU A 98 1.25 20.15 -42.97
N SER A 99 0.74 21.35 -43.25
CA SER A 99 1.62 22.50 -43.41
C SER A 99 2.34 22.89 -42.11
N TYR A 100 2.03 22.25 -40.98
CA TYR A 100 2.73 22.57 -39.74
C TYR A 100 4.00 21.75 -39.53
N ILE A 101 4.12 20.61 -40.24
CA ILE A 101 5.28 19.73 -40.12
C ILE A 101 6.58 20.45 -40.44
N HIS A 102 7.60 20.20 -39.62
CA HIS A 102 8.95 20.76 -39.79
C HIS A 102 9.95 19.82 -40.43
N SER A 103 9.77 18.50 -40.25
CA SER A 103 10.76 17.52 -40.66
C SER A 103 10.39 16.06 -40.44
N LYS A 104 10.96 15.16 -41.24
CA LYS A 104 10.98 13.74 -40.93
C LYS A 104 12.00 13.33 -39.88
N VAL A 105 11.63 12.40 -39.00
CA VAL A 105 12.56 11.83 -38.02
C VAL A 105 12.54 10.30 -38.13
N LYS A 106 13.64 9.67 -37.72
CA LYS A 106 13.75 8.20 -37.66
C LYS A 106 13.47 7.80 -36.22
N VAL A 107 12.48 6.95 -36.01
CA VAL A 107 12.19 6.46 -34.66
C VAL A 107 12.28 4.95 -34.77
N ILE A 108 13.20 4.36 -34.00
CA ILE A 108 13.53 2.94 -34.06
C ILE A 108 12.82 2.24 -32.91
N TYR A 109 12.17 1.12 -33.17
CA TYR A 109 11.61 0.36 -32.07
C TYR A 109 12.68 -0.59 -31.56
N LYS A 110 13.34 -0.24 -30.45
CA LYS A 110 14.35 -1.13 -29.87
C LYS A 110 13.61 -2.28 -29.19
N ALA A 111 13.31 -3.33 -29.96
CA ALA A 111 12.54 -4.45 -29.41
C ALA A 111 13.42 -5.32 -28.52
N PRO A 112 12.85 -5.97 -27.50
CA PRO A 112 13.65 -6.88 -26.69
C PRO A 112 14.07 -8.09 -27.53
N SER A 113 15.36 -8.40 -27.50
CA SER A 113 15.93 -9.52 -28.22
C SER A 113 15.30 -10.86 -27.81
N GLU A 114 15.32 -11.82 -28.74
CA GLU A 114 14.83 -13.13 -28.32
C GLU A 114 15.75 -13.75 -27.28
N ASN A 115 17.02 -13.31 -27.17
CA ASN A 115 17.89 -13.80 -26.11
C ASN A 115 18.12 -12.76 -25.02
N TRP A 116 17.04 -12.05 -24.67
CA TRP A 116 17.05 -11.01 -23.64
C TRP A 116 17.46 -11.52 -22.25
N ALA A 117 16.88 -12.64 -21.80
CA ALA A 117 17.21 -13.18 -20.48
C ALA A 117 18.69 -13.44 -20.26
N MET A 118 19.46 -13.65 -21.32
CA MET A 118 20.87 -13.98 -21.16
C MET A 118 21.83 -12.80 -21.29
N GLU A 119 21.33 -11.62 -21.55
CA GLU A 119 22.13 -10.43 -21.69
C GLU A 119 22.48 -9.87 -20.31
N GLY A 120 23.40 -8.91 -20.27
CA GLY A 120 23.80 -8.29 -19.00
C GLY A 120 24.87 -9.01 -18.18
N THR A 136 18.89 9.60 -34.52
CA THR A 136 17.75 8.71 -34.59
C THR A 136 17.29 8.31 -33.20
N TYR A 137 16.10 8.77 -32.86
CA TYR A 137 15.51 8.50 -31.58
C TYR A 137 15.00 7.10 -31.59
N PHE A 138 14.79 6.55 -30.42
CA PHE A 138 14.29 5.21 -30.32
C PHE A 138 13.33 5.15 -29.19
N PHE A 139 12.55 4.09 -29.15
CA PHE A 139 11.61 3.89 -28.06
C PHE A 139 11.47 2.42 -27.73
N GLN A 140 11.03 2.14 -26.49
CA GLN A 140 10.82 0.77 -26.07
C GLN A 140 9.54 0.56 -25.28
N LEU A 141 9.04 1.58 -24.61
CA LEU A 141 7.92 1.44 -23.70
C LEU A 141 6.83 2.46 -23.92
N TRP A 142 5.66 2.08 -23.42
CA TRP A 142 4.51 2.96 -23.34
C TRP A 142 4.51 3.58 -21.94
N TYR A 143 4.48 4.90 -21.90
CA TYR A 143 4.51 5.64 -20.65
C TYR A 143 3.11 6.07 -20.23
N ASN A 144 2.73 5.69 -19.02
CA ASN A 144 1.49 6.14 -18.40
C ASN A 144 1.81 7.28 -17.42
N GLN A 145 1.45 8.53 -17.77
CA GLN A 145 1.91 9.66 -16.98
C GLN A 145 1.13 9.82 -15.68
N GLU A 146 -0.05 9.21 -15.55
CA GLU A 146 -0.77 9.37 -14.31
C GLU A 146 -0.27 8.44 -13.21
N TYR A 147 0.14 7.23 -13.56
CA TYR A 147 0.57 6.23 -12.59
C TYR A 147 2.06 5.97 -12.59
N ALA A 148 2.81 6.64 -13.46
CA ALA A 148 4.23 6.34 -13.63
C ALA A 148 4.46 4.85 -13.92
N ARG A 149 3.76 4.32 -14.93
CA ARG A 149 4.00 2.96 -15.39
C ARG A 149 4.69 3.02 -16.74
N PHE A 150 5.81 2.31 -16.89
CA PHE A 150 6.41 2.04 -18.20
C PHE A 150 6.03 0.62 -18.54
N GLU A 151 5.47 0.40 -19.73
CA GLU A 151 4.92 -0.91 -20.05
C GLU A 151 5.23 -1.26 -21.49
N SER A 152 5.13 -2.58 -21.78
CA SER A 152 5.38 -3.04 -23.14
C SER A 152 4.37 -2.40 -24.09
N PRO A 153 4.77 -2.05 -25.30
CA PRO A 153 3.83 -1.43 -26.22
C PRO A 153 2.71 -2.38 -26.57
N PRO A 154 1.53 -1.85 -26.93
CA PRO A 154 0.42 -2.73 -27.30
C PRO A 154 0.81 -3.63 -28.46
N LYS A 155 0.19 -4.82 -28.50
CA LYS A 155 0.40 -5.79 -29.57
C LYS A 155 -0.61 -5.61 -30.68
N THR A 156 -1.60 -4.73 -30.48
CA THR A 156 -2.69 -4.50 -31.42
C THR A 156 -2.22 -4.22 -32.83
N GLN A 157 -2.85 -4.88 -33.82
CA GLN A 157 -2.48 -4.70 -35.22
C GLN A 157 -3.58 -4.00 -36.01
N PRO A 158 -3.22 -3.35 -37.13
CA PRO A 158 -4.24 -2.75 -37.99
C PRO A 158 -5.06 -3.82 -38.69
N THR A 159 -6.34 -3.58 -38.84
CA THR A 159 -7.08 -4.48 -39.72
C THR A 159 -7.17 -3.78 -41.07
N GLU A 160 -7.55 -4.54 -42.10
CA GLU A 160 -7.71 -3.96 -43.43
C GLU A 160 -8.68 -2.80 -43.39
N ASP A 161 -9.70 -2.89 -42.53
CA ASP A 161 -10.75 -1.88 -42.48
C ASP A 161 -10.24 -0.53 -41.99
N ASN A 162 -9.31 -0.53 -41.04
CA ASN A 162 -8.82 0.71 -40.44
C ASN A 162 -7.35 0.95 -40.74
N LYS A 163 -6.73 0.11 -41.59
CA LYS A 163 -5.31 0.21 -41.87
C LYS A 163 -4.94 1.63 -42.30
N HIS A 164 -5.92 2.43 -42.71
CA HIS A 164 -5.74 3.77 -43.20
C HIS A 164 -5.75 4.86 -42.12
N LYS A 165 -6.30 4.57 -40.90
CA LYS A 165 -6.43 5.58 -39.85
C LYS A 165 -5.93 5.09 -38.48
N PHE A 166 -5.40 3.87 -38.41
CA PHE A 166 -4.97 3.15 -37.21
C PHE A 166 -4.16 4.02 -36.26
N CYS A 167 -4.67 4.33 -35.06
CA CYS A 167 -3.94 5.17 -34.09
C CYS A 167 -3.99 4.51 -32.73
N LEU A 168 -2.86 3.98 -32.29
CA LEU A 168 -2.76 3.31 -30.98
C LEU A 168 -3.34 4.22 -29.88
N SER A 169 -2.99 5.49 -29.89
CA SER A 169 -3.52 6.43 -28.89
C SER A 169 -5.04 6.46 -28.88
N CYS A 170 -5.65 6.67 -30.06
CA CYS A 170 -7.09 6.77 -30.17
C CYS A 170 -7.78 5.52 -29.63
N ILE A 171 -7.32 4.34 -30.03
CA ILE A 171 -7.95 3.12 -29.57
C ILE A 171 -7.89 3.02 -28.05
N ARG A 172 -6.76 3.43 -27.44
CA ARG A 172 -6.69 3.33 -25.98
C ARG A 172 -7.71 4.29 -25.35
N LEU A 173 -7.83 5.52 -25.85
CA LEU A 173 -8.81 6.43 -25.28
C LEU A 173 -10.22 5.90 -25.50
N ALA A 174 -10.48 5.33 -26.69
CA ALA A 174 -11.78 4.77 -27.01
C ALA A 174 -12.14 3.60 -26.11
N GLU A 175 -11.25 2.61 -26.01
CA GLU A 175 -11.50 1.44 -25.16
C GLU A 175 -11.78 1.86 -23.72
N LEU A 176 -11.03 2.86 -23.24
CA LEU A 176 -11.25 3.41 -21.91
C LEU A 176 -12.67 3.97 -21.79
N ARG A 177 -13.06 4.84 -22.71
CA ARG A 177 -14.40 5.42 -22.62
C ARG A 177 -15.43 4.29 -22.53
N GLN A 178 -15.33 3.25 -23.36
CA GLN A 178 -16.28 2.15 -23.27
C GLN A 178 -16.25 1.49 -21.91
N LYS A 179 -15.05 1.23 -21.36
CA LYS A 179 -15.02 0.56 -20.05
C LYS A 179 -15.60 1.44 -18.95
N GLU A 180 -15.24 2.71 -18.93
CA GLU A 180 -15.64 3.63 -17.85
C GLU A 180 -17.16 3.85 -17.78
N MET A 181 -17.84 3.82 -18.91
CA MET A 181 -19.17 4.44 -18.89
C MET A 181 -20.26 3.46 -18.50
N PRO A 182 -21.25 3.99 -17.77
CA PRO A 182 -22.42 3.19 -17.43
C PRO A 182 -23.15 2.83 -18.70
N LYS A 183 -23.53 1.57 -18.81
CA LYS A 183 -24.27 1.16 -19.98
C LYS A 183 -25.26 0.11 -19.49
N VAL A 184 -26.48 0.18 -19.98
CA VAL A 184 -27.49 -0.78 -19.57
C VAL A 184 -27.54 -1.92 -20.57
N LEU A 185 -27.25 -3.13 -20.08
CA LEU A 185 -27.19 -4.30 -20.94
C LEU A 185 -28.56 -4.93 -21.27
N GLU A 186 -29.46 -4.90 -20.30
CA GLU A 186 -30.73 -5.54 -20.44
C GLU A 186 -31.94 -4.88 -19.81
N GLN A 187 -32.89 -4.47 -20.63
CA GLN A 187 -34.12 -3.85 -20.18
C GLN A 187 -35.27 -4.85 -20.00
N ILE A 188 -36.15 -4.54 -19.06
CA ILE A 188 -37.33 -5.37 -18.79
C ILE A 188 -38.59 -4.70 -19.30
N GLU A 189 -39.05 -3.66 -18.60
CA GLU A 189 -40.28 -3.00 -19.01
C GLU A 189 -40.25 -1.59 -18.47
N GLU A 190 -40.98 -0.69 -19.13
CA GLU A 190 -41.08 0.66 -18.59
C GLU A 190 -42.32 0.75 -17.70
N VAL A 191 -42.17 1.42 -16.55
CA VAL A 191 -43.27 1.54 -15.58
C VAL A 191 -43.26 2.92 -14.92
N ASP A 192 -44.22 3.77 -15.29
CA ASP A 192 -44.39 5.09 -14.70
C ASP A 192 -43.13 5.95 -14.92
N GLY A 193 -42.81 6.15 -16.20
CA GLY A 193 -41.69 6.98 -16.63
C GLY A 193 -40.33 6.51 -16.14
N ARG A 194 -40.12 5.19 -16.13
CA ARG A 194 -38.88 4.58 -15.67
C ARG A 194 -38.76 3.20 -16.32
N VAL A 195 -37.60 2.91 -16.91
CA VAL A 195 -37.35 1.58 -17.48
C VAL A 195 -36.63 0.74 -16.45
N TYR A 196 -37.22 -0.41 -16.12
CA TYR A 196 -36.61 -1.36 -15.20
C TYR A 196 -35.75 -2.34 -15.96
N CYS A 197 -34.56 -2.60 -15.41
CA CYS A 197 -33.54 -3.40 -16.08
C CYS A 197 -33.13 -4.59 -15.22
N SER A 198 -32.58 -5.60 -15.89
CA SER A 198 -32.15 -6.80 -15.20
C SER A 198 -30.65 -6.93 -15.10
N SER A 199 -29.90 -6.04 -15.73
CA SER A 199 -28.47 -6.20 -15.86
C SER A 199 -27.92 -4.88 -16.38
N ILE A 200 -26.82 -4.41 -15.80
CA ILE A 200 -26.19 -3.16 -16.22
C ILE A 200 -24.68 -3.37 -16.13
N THR A 201 -23.93 -2.31 -16.44
CA THR A 201 -22.49 -2.47 -16.36
C THR A 201 -21.79 -1.13 -16.32
N LYS A 202 -20.64 -1.17 -15.67
CA LYS A 202 -19.81 0.00 -15.46
C LYS A 202 -18.41 -0.49 -15.16
N ASN A 203 -17.45 0.14 -15.80
CA ASN A 203 -16.03 -0.07 -15.55
C ASN A 203 -15.62 -1.53 -15.61
N GLY A 204 -16.21 -2.28 -16.54
CA GLY A 204 -15.81 -3.64 -16.82
C GLY A 204 -16.45 -4.71 -15.97
N VAL A 205 -17.29 -4.32 -15.00
CA VAL A 205 -17.99 -5.20 -14.08
C VAL A 205 -19.47 -5.25 -14.44
N VAL A 206 -20.04 -6.45 -14.50
CA VAL A 206 -21.47 -6.63 -14.75
C VAL A 206 -22.26 -6.80 -13.45
N TYR A 207 -23.29 -5.97 -13.26
CA TYR A 207 -24.16 -6.02 -12.10
C TYR A 207 -25.54 -6.47 -12.58
N ARG A 208 -26.03 -7.58 -12.02
CA ARG A 208 -27.34 -8.18 -12.26
C ARG A 208 -28.27 -8.06 -11.05
N LEU A 209 -29.58 -8.32 -11.25
CA LEU A 209 -30.50 -8.41 -10.11
C LEU A 209 -30.07 -9.54 -9.20
N GLY A 210 -30.04 -9.26 -7.91
CA GLY A 210 -29.62 -10.22 -6.92
C GLY A 210 -28.15 -10.12 -6.57
N ASP A 211 -27.37 -9.39 -7.36
CA ASP A 211 -25.99 -9.14 -7.01
C ASP A 211 -25.94 -8.09 -5.89
N SER A 212 -24.83 -8.07 -5.16
CA SER A 212 -24.60 -7.08 -4.11
C SER A 212 -23.56 -6.02 -4.54
N VAL A 213 -23.61 -4.85 -3.91
CA VAL A 213 -22.84 -3.68 -4.35
C VAL A 213 -22.13 -3.03 -3.17
N TYR A 214 -20.96 -2.45 -3.45
CA TYR A 214 -20.24 -1.64 -2.46
C TYR A 214 -20.72 -0.19 -2.56
N LEU A 215 -20.86 0.48 -1.42
CA LEU A 215 -21.29 1.86 -1.44
C LEU A 215 -20.58 2.70 -0.39
N PRO A 216 -20.44 4.00 -0.65
CA PRO A 216 -19.83 4.87 0.34
C PRO A 216 -20.64 4.88 1.62
N PRO A 217 -20.00 5.14 2.77
CA PRO A 217 -20.71 5.09 4.06
C PRO A 217 -21.97 5.95 4.08
N GLU A 218 -21.99 7.01 3.30
CA GLU A 218 -23.08 7.97 3.30
C GLU A 218 -24.09 7.73 2.17
N ALA A 219 -23.99 6.59 1.47
CA ALA A 219 -24.95 6.27 0.42
C ALA A 219 -26.36 6.13 1.02
N PHE A 220 -26.48 5.44 2.16
CA PHE A 220 -27.77 5.34 2.86
C PHE A 220 -27.56 5.19 4.37
N THR A 221 -28.66 5.13 5.12
CA THR A 221 -28.68 5.17 6.59
C THR A 221 -29.39 3.96 7.15
N PHE A 222 -29.03 3.57 8.37
CA PHE A 222 -29.75 2.48 8.98
C PHE A 222 -30.91 2.99 9.83
N ASN A 223 -31.99 2.18 9.92
CA ASN A 223 -33.18 2.66 10.64
C ASN A 223 -33.05 2.52 12.15
N ILE A 224 -32.06 1.78 12.61
CA ILE A 224 -31.83 1.64 14.03
C ILE A 224 -31.51 3.02 14.59
N LYS A 225 -31.96 3.28 15.80
CA LYS A 225 -31.59 4.52 16.48
C LYS A 225 -30.28 4.31 17.22
N VAL A 226 -29.36 5.26 17.10
CA VAL A 226 -28.06 5.16 17.77
C VAL A 226 -27.90 6.45 18.55
N ALA A 227 -28.02 6.34 19.87
CA ALA A 227 -27.86 7.47 20.78
C ALA A 227 -26.40 7.93 20.94
N SER A 228 -26.13 9.20 20.65
CA SER A 228 -24.84 9.81 20.96
C SER A 228 -24.49 9.54 22.43
N PRO A 229 -23.33 8.97 22.73
CA PRO A 229 -22.98 8.66 24.13
C PRO A 229 -23.30 9.73 25.20
N VAL A 230 -23.63 9.19 26.38
CA VAL A 230 -24.04 9.83 27.63
C VAL A 230 -23.01 10.85 28.08
N LYS A 231 -21.89 10.90 27.36
CA LYS A 231 -20.66 11.64 27.48
C LYS A 231 -20.06 11.52 28.88
N ARG A 232 -19.40 12.53 29.40
CA ARG A 232 -18.80 12.28 30.72
C ARG A 232 -18.10 13.55 31.16
N PRO A 233 -17.96 13.89 32.46
CA PRO A 233 -17.09 15.05 32.70
C PRO A 233 -15.72 14.68 32.13
N LYS A 234 -14.76 15.61 32.15
CA LYS A 234 -13.40 15.34 31.67
C LYS A 234 -12.54 15.51 32.90
N LYS A 235 -12.40 14.43 33.67
CA LYS A 235 -11.62 14.44 34.91
C LYS A 235 -12.23 15.43 35.91
N ASP A 236 -11.44 15.83 36.87
CA ASP A 236 -11.74 16.77 37.94
C ASP A 236 -10.58 17.76 37.88
N PRO A 237 -10.34 18.65 38.84
CA PRO A 237 -9.15 19.51 38.74
C PRO A 237 -7.88 18.71 38.96
N VAL A 238 -6.76 19.23 38.42
CA VAL A 238 -5.48 18.53 38.48
C VAL A 238 -4.59 19.19 39.51
N ASN A 239 -4.10 18.42 40.48
CA ASN A 239 -3.15 19.05 41.40
C ASN A 239 -1.80 19.17 40.70
N GLU A 240 -1.29 20.40 40.51
CA GLU A 240 -0.08 20.54 39.69
C GLU A 240 1.19 20.35 40.49
N THR A 241 1.07 20.18 41.80
CA THR A 241 2.24 19.79 42.56
C THR A 241 2.43 18.29 42.45
N LEU A 242 1.33 17.55 42.48
CA LEU A 242 1.37 16.11 42.27
C LEU A 242 1.73 15.78 40.82
N TYR A 243 1.22 16.57 39.87
CA TYR A 243 1.46 16.36 38.44
C TYR A 243 2.06 17.58 37.75
N PRO A 244 3.33 17.88 38.00
CA PRO A 244 3.93 19.13 37.51
C PRO A 244 4.05 19.20 35.99
N GLU A 245 3.86 18.09 35.27
CA GLU A 245 4.04 18.05 33.83
C GLU A 245 2.72 17.82 33.10
N HIS A 246 1.63 17.63 33.83
CA HIS A 246 0.33 17.45 33.21
C HIS A 246 -0.02 18.61 32.29
N TYR A 247 0.54 19.79 32.55
CA TYR A 247 0.15 20.98 31.80
C TYR A 247 0.54 20.92 30.33
N ARG A 248 1.50 20.11 29.97
CA ARG A 248 2.01 20.03 28.62
C ARG A 248 1.11 19.25 27.65
N LYS A 249 -0.05 18.84 28.09
CA LYS A 249 -0.98 18.11 27.25
C LYS A 249 -2.02 18.92 26.49
N TYR A 250 -1.77 20.14 26.10
CA TYR A 250 -2.79 20.83 25.33
C TYR A 250 -3.53 19.85 24.40
N LEU A 259 -11.65 7.37 17.18
CA LEU A 259 -11.54 6.74 15.88
C LEU A 259 -11.70 7.71 14.69
N ASP A 260 -10.67 7.78 13.85
CA ASP A 260 -10.63 8.65 12.67
C ASP A 260 -10.61 7.84 11.38
N ALA A 261 -10.52 6.52 11.45
CA ALA A 261 -10.58 5.71 10.23
C ALA A 261 -12.01 5.75 9.74
N PRO A 262 -12.24 5.87 8.44
CA PRO A 262 -13.62 5.93 7.96
C PRO A 262 -14.44 4.69 8.25
N GLU A 263 -15.69 4.74 7.77
CA GLU A 263 -16.43 3.50 7.90
C GLU A 263 -16.17 2.64 6.67
N PRO A 264 -16.23 1.31 6.79
CA PRO A 264 -16.15 0.49 5.59
C PRO A 264 -17.41 0.65 4.74
N TYR A 265 -17.37 0.07 3.54
CA TYR A 265 -18.46 0.23 2.57
C TYR A 265 -19.80 -0.17 3.18
N ARG A 266 -20.86 0.47 2.69
CA ARG A 266 -22.21 -0.04 2.84
C ARG A 266 -22.37 -1.15 1.82
N ILE A 267 -23.18 -2.15 2.15
CA ILE A 267 -23.45 -3.25 1.23
C ILE A 267 -24.94 -3.44 1.09
N GLY A 268 -25.39 -3.73 -0.12
CA GLY A 268 -26.80 -3.91 -0.35
C GLY A 268 -26.98 -4.90 -1.46
N ARG A 269 -28.04 -5.73 -1.37
CA ARG A 269 -28.43 -6.61 -2.46
C ARG A 269 -29.37 -5.86 -3.40
N ILE A 270 -29.13 -6.01 -4.69
CA ILE A 270 -29.94 -5.32 -5.69
C ILE A 270 -31.32 -5.98 -5.81
N LYS A 271 -32.35 -5.16 -5.64
CA LYS A 271 -33.74 -5.57 -5.77
C LYS A 271 -34.33 -5.15 -7.11
N GLU A 272 -34.16 -3.89 -7.46
CA GLU A 272 -34.61 -3.35 -8.73
C GLU A 272 -33.52 -2.45 -9.31
N ILE A 273 -33.58 -2.26 -10.62
CA ILE A 273 -32.69 -1.36 -11.34
C ILE A 273 -33.53 -0.58 -12.31
N HIS A 274 -33.57 0.74 -12.16
CA HIS A 274 -34.39 1.55 -13.05
C HIS A 274 -33.74 2.87 -13.36
N CYS A 275 -33.94 3.32 -14.59
CA CYS A 275 -33.36 4.58 -15.03
C CYS A 275 -34.47 5.33 -15.75
N GLY A 276 -34.25 6.62 -15.93
CA GLY A 276 -35.20 7.44 -16.63
C GLY A 276 -35.05 7.30 -18.12
N LYS A 277 -35.61 8.25 -18.84
CA LYS A 277 -35.56 8.25 -20.29
C LYS A 277 -35.36 9.70 -20.68
N LYS A 278 -34.61 9.88 -21.75
CA LYS A 278 -34.36 11.20 -22.31
C LYS A 278 -34.54 11.07 -23.80
N LYS A 279 -35.40 11.92 -24.38
CA LYS A 279 -35.63 11.96 -25.82
C LYS A 279 -36.02 10.57 -26.34
N GLY A 280 -36.84 9.87 -25.55
CA GLY A 280 -37.39 8.54 -25.73
C GLY A 280 -36.43 7.37 -25.65
N LYS A 281 -35.19 7.57 -25.27
CA LYS A 281 -34.20 6.49 -25.13
C LYS A 281 -33.74 6.51 -23.67
N VAL A 282 -33.14 5.39 -23.22
CA VAL A 282 -32.68 5.29 -21.84
C VAL A 282 -31.64 6.36 -21.54
N ASN A 283 -31.80 7.04 -20.42
CA ASN A 283 -30.80 7.96 -19.89
C ASN A 283 -29.88 7.18 -18.96
N GLU A 284 -28.70 6.81 -19.49
CA GLU A 284 -27.71 6.01 -18.77
C GLU A 284 -26.99 6.81 -17.70
N ALA A 285 -27.03 8.13 -17.79
CA ALA A 285 -26.49 8.94 -16.71
C ALA A 285 -27.45 9.01 -15.53
N ASP A 286 -28.57 8.30 -15.58
CA ASP A 286 -29.63 8.31 -14.58
C ASP A 286 -30.04 6.90 -14.19
N ILE A 287 -29.09 5.98 -14.05
CA ILE A 287 -29.41 4.63 -13.59
C ILE A 287 -29.50 4.63 -12.07
N LYS A 288 -30.56 4.03 -11.54
CA LYS A 288 -30.74 3.91 -10.09
C LYS A 288 -30.97 2.46 -9.72
N LEU A 289 -30.51 2.10 -8.51
CA LEU A 289 -30.61 0.76 -7.97
C LEU A 289 -31.39 0.85 -6.66
N ARG A 290 -32.35 -0.05 -6.44
CA ARG A 290 -33.04 -0.10 -5.16
C ARG A 290 -32.51 -1.33 -4.42
N LEU A 291 -32.03 -1.16 -3.19
CA LEU A 291 -31.29 -2.20 -2.51
C LEU A 291 -31.88 -2.59 -1.17
N TYR A 292 -31.67 -3.85 -0.81
CA TYR A 292 -31.80 -4.36 0.54
C TYR A 292 -30.56 -4.03 1.34
N LYS A 293 -30.71 -3.26 2.42
CA LYS A 293 -29.58 -2.96 3.29
C LYS A 293 -29.06 -4.21 3.98
N PHE A 294 -27.73 -4.39 4.02
CA PHE A 294 -27.12 -5.42 4.85
C PHE A 294 -26.58 -4.74 6.10
N TYR A 295 -26.66 -5.40 7.23
CA TYR A 295 -26.09 -4.87 8.47
C TYR A 295 -24.74 -5.54 8.72
N ARG A 296 -23.72 -4.70 8.96
CA ARG A 296 -22.54 -5.26 9.60
C ARG A 296 -22.85 -5.41 11.08
N PRO A 297 -22.17 -6.35 11.77
CA PRO A 297 -22.45 -6.51 13.21
C PRO A 297 -22.37 -5.18 13.97
N GLU A 298 -21.37 -4.35 13.68
CA GLU A 298 -21.22 -3.10 14.40
C GLU A 298 -22.28 -2.06 14.05
N ASN A 299 -23.13 -2.30 13.07
CA ASN A 299 -24.19 -1.37 12.72
C ASN A 299 -25.46 -1.62 13.51
N THR A 300 -25.68 -2.86 13.98
CA THR A 300 -26.80 -3.15 14.85
C THR A 300 -26.53 -2.47 16.19
N HIS A 301 -27.40 -2.72 17.16
CA HIS A 301 -27.17 -2.16 18.49
C HIS A 301 -25.98 -2.77 19.20
N ARG A 302 -25.59 -3.99 18.80
CA ARG A 302 -24.40 -4.61 19.38
C ARG A 302 -23.21 -3.70 19.24
N SER A 303 -23.17 -2.88 18.19
CA SER A 303 -22.06 -1.95 18.01
C SER A 303 -20.73 -2.69 18.11
N TYR A 304 -19.75 -1.98 18.60
CA TYR A 304 -18.41 -2.52 18.68
C TYR A 304 -18.32 -3.50 19.85
N ASN A 305 -18.79 -3.15 21.06
CA ASN A 305 -18.69 -4.12 22.15
C ASN A 305 -19.31 -5.49 21.81
N GLY A 306 -20.18 -5.57 20.81
CA GLY A 306 -20.78 -6.83 20.44
C GLY A 306 -20.17 -7.56 19.27
N SER A 307 -19.13 -7.03 18.65
CA SER A 307 -18.63 -7.66 17.43
C SER A 307 -17.13 -7.85 17.45
N TYR A 308 -16.53 -7.74 18.62
CA TYR A 308 -15.09 -7.94 18.73
C TYR A 308 -14.74 -9.32 18.15
N HIS A 309 -15.62 -10.26 18.41
CA HIS A 309 -15.45 -11.66 18.05
C HIS A 309 -16.03 -12.18 16.75
N THR A 310 -16.76 -11.37 16.01
CA THR A 310 -17.40 -11.77 14.75
C THR A 310 -16.42 -11.72 13.57
N ASP A 311 -16.68 -12.55 12.56
CA ASP A 311 -15.90 -12.58 11.32
C ASP A 311 -15.98 -11.24 10.58
N ILE A 312 -14.85 -10.82 10.00
CA ILE A 312 -14.83 -9.52 9.33
C ILE A 312 -15.77 -9.48 8.15
N ASN A 313 -16.24 -10.64 7.68
CA ASN A 313 -17.11 -10.71 6.51
C ASN A 313 -18.51 -11.22 6.85
N MET A 314 -18.88 -11.32 8.13
CA MET A 314 -20.23 -11.73 8.47
C MET A 314 -21.12 -10.50 8.43
N LEU A 315 -22.34 -10.68 7.90
CA LEU A 315 -23.29 -9.59 7.80
C LEU A 315 -24.61 -10.08 8.39
N TYR A 316 -25.62 -9.22 8.40
CA TYR A 316 -26.94 -9.63 8.82
C TYR A 316 -27.92 -9.20 7.74
N TRP A 317 -28.78 -10.10 7.29
CA TRP A 317 -29.82 -9.69 6.36
C TRP A 317 -30.80 -8.74 7.07
N SER A 318 -31.50 -7.93 6.27
CA SER A 318 -32.50 -6.95 6.70
C SER A 318 -33.42 -6.67 5.51
N ASP A 319 -34.69 -6.34 5.80
CA ASP A 319 -35.64 -6.02 4.74
C ASP A 319 -35.75 -4.52 4.46
N GLU A 320 -34.91 -3.71 5.10
CA GLU A 320 -34.84 -2.28 4.80
C GLU A 320 -34.37 -2.06 3.36
N GLU A 321 -35.01 -1.13 2.67
CA GLU A 321 -34.71 -0.84 1.28
C GLU A 321 -34.14 0.57 1.18
N ALA A 322 -33.19 0.75 0.25
CA ALA A 322 -32.54 2.03 0.00
C ALA A 322 -32.45 2.27 -1.51
N VAL A 323 -32.67 3.52 -1.92
CA VAL A 323 -32.48 3.95 -3.29
C VAL A 323 -31.13 4.65 -3.43
N VAL A 324 -30.41 4.29 -4.47
CA VAL A 324 -29.04 4.73 -4.69
C VAL A 324 -28.76 5.03 -6.15
N ASN A 325 -27.85 5.99 -6.39
CA ASN A 325 -27.40 6.30 -7.75
C ASN A 325 -26.34 5.30 -8.18
N PHE A 326 -26.50 4.73 -9.39
CA PHE A 326 -25.50 3.80 -9.92
C PHE A 326 -24.09 4.39 -9.84
N SER A 327 -23.98 5.68 -10.12
CA SER A 327 -22.70 6.39 -10.06
C SER A 327 -21.97 6.15 -8.74
N ASP A 328 -22.71 5.90 -7.66
CA ASP A 328 -22.14 5.75 -6.33
C ASP A 328 -21.60 4.34 -6.04
N VAL A 329 -22.00 3.34 -6.85
CA VAL A 329 -21.56 1.95 -6.69
C VAL A 329 -20.05 1.85 -6.82
N GLN A 330 -19.40 1.36 -5.76
CA GLN A 330 -17.95 1.33 -5.72
C GLN A 330 -17.39 0.02 -6.22
N GLY A 331 -18.22 -1.00 -6.28
CA GLY A 331 -17.79 -2.27 -6.82
C GLY A 331 -18.81 -3.33 -6.47
N ARG A 332 -18.56 -4.52 -6.98
CA ARG A 332 -19.43 -5.67 -6.77
C ARG A 332 -18.82 -6.64 -5.75
N CYS A 333 -19.68 -7.23 -4.92
CA CYS A 333 -19.26 -8.20 -3.92
C CYS A 333 -20.26 -9.35 -3.83
N THR A 334 -19.77 -10.50 -3.40
CA THR A 334 -20.60 -11.70 -3.26
C THR A 334 -21.07 -11.84 -1.82
N VAL A 335 -22.39 -11.97 -1.65
CA VAL A 335 -22.99 -12.18 -0.33
C VAL A 335 -23.93 -13.38 -0.38
N GLU A 336 -23.62 -14.41 0.42
CA GLU A 336 -24.29 -15.71 0.43
C GLU A 336 -24.91 -16.09 1.80
N TYR A 337 -26.07 -16.76 1.79
CA TYR A 337 -26.66 -17.32 3.01
C TYR A 337 -25.85 -18.53 3.47
N GLY A 338 -25.43 -18.53 4.74
CA GLY A 338 -24.51 -19.57 5.23
C GLY A 338 -24.87 -21.00 4.88
N GLU A 339 -26.15 -21.35 5.05
CA GLU A 339 -26.61 -22.73 4.88
C GLU A 339 -26.64 -23.21 3.42
N ASP A 340 -26.82 -22.32 2.43
CA ASP A 340 -26.84 -22.76 1.03
C ASP A 340 -25.46 -23.13 0.51
N LEU A 341 -24.42 -22.91 1.28
CA LEU A 341 -23.05 -23.15 0.83
C LEU A 341 -22.62 -24.62 0.66
N LEU A 342 -21.98 -24.90 -0.48
CA LEU A 342 -21.39 -26.18 -0.86
C LEU A 342 -20.03 -26.37 -0.20
N GLU A 343 -19.47 -25.36 0.43
CA GLU A 343 -18.11 -25.44 0.93
C GLU A 343 -18.29 -25.09 2.40
N SER A 344 -17.20 -24.97 3.14
CA SER A 344 -17.24 -24.53 4.53
C SER A 344 -17.15 -23.00 4.57
N ILE A 345 -17.72 -22.37 5.60
CA ILE A 345 -17.61 -20.91 5.72
C ILE A 345 -16.16 -20.46 5.57
N GLN A 346 -15.24 -21.14 6.26
CA GLN A 346 -13.81 -20.82 6.17
C GLN A 346 -13.31 -20.97 4.73
N ASP A 347 -13.63 -22.11 4.11
CA ASP A 347 -13.20 -22.39 2.73
C ASP A 347 -13.77 -21.41 1.73
N TYR A 348 -15.06 -21.13 1.85
CA TYR A 348 -15.72 -20.14 1.00
C TYR A 348 -15.05 -18.79 1.17
N SER A 349 -14.82 -18.39 2.42
CA SER A 349 -14.26 -17.06 2.68
C SER A 349 -12.87 -16.93 2.04
N GLN A 350 -11.95 -17.86 2.32
CA GLN A 350 -10.60 -17.77 1.77
C GLN A 350 -10.54 -18.11 0.27
N GLY A 351 -11.66 -18.52 -0.31
CA GLY A 351 -11.70 -18.87 -1.71
C GLY A 351 -11.52 -17.71 -2.67
N GLY A 352 -12.11 -16.56 -2.36
CA GLY A 352 -11.97 -15.38 -3.20
C GLY A 352 -12.16 -14.04 -2.50
N PRO A 353 -11.82 -12.96 -3.19
CA PRO A 353 -12.00 -11.62 -2.63
C PRO A 353 -13.46 -11.14 -2.65
N ASP A 354 -13.79 -10.26 -1.70
CA ASP A 354 -15.13 -9.65 -1.59
C ASP A 354 -16.25 -10.66 -1.36
N ARG A 355 -15.97 -11.70 -0.58
CA ARG A 355 -16.95 -12.75 -0.30
C ARG A 355 -17.45 -12.54 1.13
N PHE A 356 -18.76 -12.31 1.29
CA PHE A 356 -19.39 -12.12 2.60
C PHE A 356 -20.40 -13.22 2.86
N TYR A 357 -20.96 -13.23 4.06
CA TYR A 357 -22.00 -14.21 4.36
C TYR A 357 -22.89 -13.69 5.46
N PHE A 358 -24.04 -14.32 5.59
CA PHE A 358 -24.93 -14.02 6.68
C PHE A 358 -25.60 -15.31 7.10
N LEU A 359 -26.13 -15.32 8.32
CA LEU A 359 -26.82 -16.48 8.84
C LEU A 359 -28.09 -16.11 9.55
N GLU A 360 -28.34 -14.83 9.76
CA GLU A 360 -29.50 -14.40 10.48
C GLU A 360 -29.99 -13.13 9.82
N ALA A 361 -31.24 -12.80 10.10
CA ALA A 361 -31.76 -11.50 9.73
C ALA A 361 -31.77 -10.65 10.99
N TYR A 362 -31.93 -9.36 10.80
CA TYR A 362 -31.99 -8.45 11.93
C TYR A 362 -33.17 -7.53 11.76
N ASN A 363 -34.07 -7.57 12.72
CA ASN A 363 -35.25 -6.73 12.65
C ASN A 363 -34.89 -5.40 13.30
N SER A 364 -34.65 -4.37 12.48
CA SER A 364 -34.27 -3.04 12.96
C SER A 364 -35.24 -2.40 13.94
N LYS A 365 -36.47 -2.89 13.99
CA LYS A 365 -37.52 -2.23 14.76
C LYS A 365 -37.66 -2.85 16.14
N THR A 366 -37.59 -4.17 16.22
CA THR A 366 -37.65 -4.93 17.45
C THR A 366 -36.26 -5.34 17.95
N LYS A 367 -35.20 -4.81 17.36
CA LYS A 367 -33.81 -5.14 17.68
C LYS A 367 -33.53 -6.64 17.85
N ASN A 368 -34.30 -7.51 17.20
CA ASN A 368 -34.07 -8.94 17.35
C ASN A 368 -33.49 -9.60 16.12
N PHE A 369 -32.78 -10.70 16.31
CA PHE A 369 -32.21 -11.42 15.19
C PHE A 369 -33.08 -12.63 14.93
N GLU A 370 -33.31 -12.95 13.66
CA GLU A 370 -34.14 -14.08 13.34
C GLU A 370 -33.64 -14.80 12.11
N ASP A 371 -34.35 -15.81 11.65
CA ASP A 371 -33.93 -16.54 10.48
C ASP A 371 -34.22 -15.66 9.30
N PRO A 372 -33.49 -15.85 8.21
CA PRO A 372 -33.68 -15.06 6.99
C PRO A 372 -34.93 -15.42 6.21
N PRO A 373 -35.65 -14.43 5.66
CA PRO A 373 -36.77 -14.76 4.79
C PRO A 373 -36.29 -15.69 3.69
N ASN A 374 -37.22 -16.35 3.02
CA ASN A 374 -36.86 -17.23 1.91
C ASN A 374 -36.32 -16.47 0.69
N HIS A 375 -36.88 -15.29 0.36
CA HIS A 375 -36.37 -14.58 -0.83
C HIS A 375 -34.94 -14.07 -0.63
N ALA A 376 -34.41 -14.16 0.58
CA ALA A 376 -33.04 -13.78 0.87
C ALA A 376 -32.11 -14.96 0.63
N ARG A 377 -32.68 -16.15 0.53
CA ARG A 377 -31.98 -17.40 0.32
C ARG A 377 -31.54 -17.46 -1.15
N SER A 378 -30.92 -18.56 -1.59
CA SER A 378 -30.60 -18.53 -3.02
C SER A 378 -31.78 -18.84 -3.94
N PRO A 379 -31.53 -18.99 -5.26
CA PRO A 379 -32.41 -19.63 -6.23
C PRO A 379 -32.50 -21.13 -6.00
N ILE A 407 -5.50 -25.33 -14.33
CA ILE A 407 -4.06 -25.17 -14.46
C ILE A 407 -3.45 -24.79 -13.11
N LYS A 408 -2.76 -25.74 -12.46
CA LYS A 408 -2.12 -25.43 -11.19
C LYS A 408 -1.03 -24.44 -11.52
N LEU A 409 -0.92 -23.34 -10.75
CA LEU A 409 0.07 -22.38 -11.18
C LEU A 409 1.46 -22.90 -10.88
N PRO A 410 2.39 -22.85 -11.84
CA PRO A 410 3.78 -23.18 -11.48
C PRO A 410 4.18 -22.13 -10.46
N LYS A 411 4.96 -22.51 -9.49
CA LYS A 411 5.44 -21.52 -8.56
C LYS A 411 6.75 -20.94 -9.09
N LEU A 412 6.87 -19.61 -9.07
CA LEU A 412 8.07 -18.95 -9.52
C LEU A 412 9.21 -19.27 -8.57
N ARG A 413 10.33 -19.67 -9.14
CA ARG A 413 11.53 -19.88 -8.34
C ARG A 413 12.02 -18.51 -7.93
N THR A 414 12.17 -18.28 -6.62
CA THR A 414 12.35 -16.94 -6.09
C THR A 414 13.64 -16.82 -5.31
N LEU A 415 14.39 -15.75 -5.60
CA LEU A 415 15.57 -15.34 -4.81
C LEU A 415 15.19 -14.13 -3.94
N ASP A 416 15.36 -14.25 -2.61
CA ASP A 416 14.99 -13.17 -1.67
C ASP A 416 16.26 -12.53 -1.09
N VAL A 417 16.63 -11.33 -1.63
CA VAL A 417 17.82 -10.65 -1.17
C VAL A 417 17.49 -9.76 0.02
N PHE A 418 18.41 -9.67 0.96
CA PHE A 418 18.19 -9.02 2.24
C PHE A 418 16.94 -9.55 2.92
N SER A 419 16.79 -10.88 2.86
CA SER A 419 15.58 -11.59 3.28
C SER A 419 15.16 -11.33 4.73
N GLY A 420 16.09 -11.06 5.63
CA GLY A 420 15.65 -10.98 7.02
C GLY A 420 15.08 -12.32 7.49
N CYS A 421 14.12 -12.28 8.42
CA CYS A 421 13.52 -13.54 8.89
C CYS A 421 12.51 -14.14 7.92
N GLY A 422 12.15 -13.42 6.86
CA GLY A 422 11.31 -13.94 5.82
C GLY A 422 9.91 -13.40 5.74
N GLY A 423 9.63 -12.26 6.36
CA GLY A 423 8.30 -11.69 6.28
C GLY A 423 7.81 -11.49 4.86
N LEU A 424 8.69 -11.00 3.97
CA LEU A 424 8.29 -10.77 2.58
C LEU A 424 8.09 -12.09 1.86
N SER A 425 9.00 -13.04 2.06
CA SER A 425 8.91 -14.34 1.41
C SER A 425 7.70 -15.10 1.92
N GLU A 426 7.31 -14.85 3.15
CA GLU A 426 6.17 -15.55 3.72
C GLU A 426 4.89 -15.10 3.03
N GLY A 427 4.75 -13.80 2.82
CA GLY A 427 3.60 -13.28 2.10
C GLY A 427 3.43 -13.84 0.71
N PHE A 428 4.52 -13.90 -0.07
CA PHE A 428 4.48 -14.51 -1.41
C PHE A 428 4.08 -15.98 -1.32
N HIS A 429 4.69 -16.72 -0.40
CA HIS A 429 4.33 -18.11 -0.21
C HIS A 429 2.83 -18.25 0.04
N GLN A 430 2.27 -17.42 0.93
CA GLN A 430 0.84 -17.48 1.20
C GLN A 430 0.00 -17.30 -0.08
N ALA A 431 0.40 -16.39 -0.97
CA ALA A 431 -0.36 -16.18 -2.20
C ALA A 431 -0.26 -17.35 -3.18
N GLY A 432 0.66 -18.28 -2.97
CA GLY A 432 0.84 -19.46 -3.80
C GLY A 432 1.57 -19.23 -5.11
N ILE A 433 2.23 -18.09 -5.27
CA ILE A 433 2.88 -17.66 -6.51
C ILE A 433 4.36 -17.96 -6.55
N SER A 434 4.99 -18.25 -5.41
CA SER A 434 6.43 -18.33 -5.40
C SER A 434 6.89 -19.47 -4.53
N GLU A 435 8.16 -19.80 -4.71
CA GLU A 435 8.90 -20.72 -3.87
C GLU A 435 10.27 -20.10 -3.66
N THR A 436 10.52 -19.56 -2.46
CA THR A 436 11.84 -19.01 -2.20
C THR A 436 12.81 -20.16 -2.05
N LEU A 437 13.68 -20.32 -3.04
CA LEU A 437 14.62 -21.42 -3.03
C LEU A 437 15.97 -20.97 -2.52
N TRP A 438 16.23 -19.65 -2.62
CA TRP A 438 17.47 -19.01 -2.24
C TRP A 438 17.14 -17.74 -1.50
N ALA A 439 17.85 -17.50 -0.40
CA ALA A 439 17.71 -16.30 0.42
C ALA A 439 19.11 -15.84 0.78
N ILE A 440 19.29 -14.53 0.88
CA ILE A 440 20.59 -13.98 1.27
C ILE A 440 20.36 -13.03 2.42
N GLU A 441 21.01 -13.32 3.53
CA GLU A 441 20.81 -12.52 4.72
C GLU A 441 22.15 -12.54 5.43
N MET A 442 22.81 -11.39 5.46
CA MET A 442 24.14 -11.30 6.04
C MET A 442 24.12 -11.45 7.56
N TRP A 443 23.01 -11.09 8.24
CA TRP A 443 23.01 -11.10 9.70
C TRP A 443 22.47 -12.45 10.15
N ASP A 444 23.34 -13.18 10.83
CA ASP A 444 23.13 -14.58 11.14
C ASP A 444 21.84 -14.95 11.86
N PRO A 445 21.44 -14.32 12.97
CA PRO A 445 20.19 -14.76 13.64
C PRO A 445 19.02 -14.79 12.66
N ALA A 446 18.85 -13.70 11.91
CA ALA A 446 17.78 -13.63 10.92
C ALA A 446 17.93 -14.73 9.87
N ALA A 447 19.16 -14.94 9.37
CA ALA A 447 19.41 -16.03 8.42
C ALA A 447 18.93 -17.37 9.00
N GLN A 448 19.33 -17.69 10.24
CA GLN A 448 18.81 -18.90 10.89
C GLN A 448 17.30 -18.87 10.99
N ALA A 449 16.71 -17.74 11.40
CA ALA A 449 15.25 -17.62 11.42
C ALA A 449 14.65 -18.01 10.07
N PHE A 450 15.29 -17.61 8.97
CA PHE A 450 14.75 -17.92 7.66
C PHE A 450 14.76 -19.42 7.43
N ARG A 451 15.87 -20.07 7.74
CA ARG A 451 15.97 -21.52 7.62
C ARG A 451 14.87 -22.23 8.41
N LEU A 452 14.58 -21.78 9.62
CA LEU A 452 13.52 -22.40 10.42
C LEU A 452 12.19 -22.41 9.69
N ASN A 453 11.87 -21.34 8.98
CA ASN A 453 10.55 -21.21 8.37
C ASN A 453 10.50 -21.71 6.94
N ASN A 454 11.67 -21.86 6.32
CA ASN A 454 11.81 -22.32 4.93
C ASN A 454 12.87 -23.42 4.91
N PRO A 455 12.50 -24.64 5.34
CA PRO A 455 13.46 -25.78 5.34
C PRO A 455 14.09 -26.07 3.97
N GLY A 456 13.40 -25.72 2.90
CA GLY A 456 13.72 -26.00 1.52
C GLY A 456 14.65 -25.01 0.87
N THR A 457 14.88 -23.86 1.52
CA THR A 457 15.65 -22.78 0.94
C THR A 457 17.12 -22.78 1.32
N THR A 458 17.96 -22.49 0.34
CA THR A 458 19.41 -22.35 0.54
C THR A 458 19.63 -20.94 1.06
N VAL A 459 20.05 -20.78 2.32
CA VAL A 459 20.21 -19.44 2.88
C VAL A 459 21.69 -19.11 2.88
N PHE A 460 22.09 -18.09 2.14
CA PHE A 460 23.48 -17.67 2.10
C PHE A 460 23.70 -16.51 3.09
N THR A 461 24.35 -16.80 4.20
CA THR A 461 24.74 -15.80 5.19
C THR A 461 26.07 -15.27 4.65
N GLU A 462 26.05 -14.20 3.87
CA GLU A 462 27.26 -13.71 3.28
C GLU A 462 27.08 -12.36 2.66
N ASP A 463 28.14 -11.71 2.28
CA ASP A 463 27.98 -10.39 1.63
C ASP A 463 27.50 -10.57 0.17
N CYS A 464 26.38 -9.93 -0.20
CA CYS A 464 25.81 -10.11 -1.54
C CYS A 464 26.76 -9.71 -2.68
N ASN A 465 27.65 -8.73 -2.46
CA ASN A 465 28.59 -8.31 -3.50
C ASN A 465 29.56 -9.40 -3.87
N VAL A 466 30.09 -10.13 -2.88
CA VAL A 466 31.06 -11.14 -3.24
C VAL A 466 30.38 -12.34 -3.84
N LEU A 467 29.16 -12.63 -3.37
CA LEU A 467 28.38 -13.73 -3.92
C LEU A 467 28.08 -13.52 -5.41
N LEU A 468 27.61 -12.32 -5.81
CA LEU A 468 27.31 -12.09 -7.23
C LEU A 468 28.55 -12.21 -8.08
N LYS A 469 29.66 -11.67 -7.59
CA LYS A 469 30.92 -11.80 -8.31
C LYS A 469 31.26 -13.28 -8.50
N LEU A 470 30.99 -14.12 -7.50
CA LEU A 470 31.25 -15.56 -7.62
C LEU A 470 30.46 -16.21 -8.76
N VAL A 471 29.15 -15.91 -8.86
CA VAL A 471 28.36 -16.49 -9.94
C VAL A 471 28.73 -15.91 -11.32
N MET A 472 28.92 -14.61 -11.39
CA MET A 472 29.40 -13.96 -12.60
C MET A 472 30.69 -14.59 -13.10
N ALA A 473 31.50 -15.12 -12.20
CA ALA A 473 32.77 -15.73 -12.54
C ALA A 473 32.62 -17.19 -12.96
N GLY A 474 31.39 -17.68 -13.03
CA GLY A 474 31.14 -19.05 -13.41
C GLY A 474 31.23 -20.05 -12.28
N GLU A 475 31.56 -19.61 -11.07
CA GLU A 475 31.69 -20.52 -9.93
C GLU A 475 30.32 -21.15 -9.66
N VAL A 476 30.31 -22.47 -9.44
CA VAL A 476 29.05 -23.12 -9.10
C VAL A 476 28.71 -23.04 -7.61
N THR A 477 29.70 -22.81 -6.71
CA THR A 477 29.45 -22.98 -5.28
C THR A 477 30.23 -21.94 -4.50
N ASN A 478 29.70 -21.53 -3.35
CA ASN A 478 30.53 -20.74 -2.48
C ASN A 478 31.45 -21.66 -1.71
N SER A 479 32.26 -21.08 -0.83
CA SER A 479 33.22 -21.86 -0.10
C SER A 479 32.58 -22.92 0.80
N LEU A 480 31.26 -22.87 1.02
CA LEU A 480 30.63 -23.81 1.93
C LEU A 480 29.91 -24.95 1.22
N GLY A 481 30.12 -25.12 -0.08
CA GLY A 481 29.42 -26.16 -0.79
C GLY A 481 27.99 -25.83 -1.19
N GLN A 482 27.49 -24.64 -0.84
CA GLN A 482 26.12 -24.23 -1.15
C GLN A 482 25.97 -23.91 -2.61
N ARG A 483 25.03 -24.56 -3.31
CA ARG A 483 24.89 -24.36 -4.75
C ARG A 483 24.27 -22.98 -5.05
N LEU A 484 25.10 -22.12 -5.63
CA LEU A 484 24.72 -20.80 -6.11
C LEU A 484 23.65 -20.87 -7.20
N PRO A 485 22.67 -19.97 -7.17
CA PRO A 485 21.68 -19.90 -8.25
C PRO A 485 22.31 -19.37 -9.52
N GLN A 486 21.89 -19.88 -10.68
CA GLN A 486 22.54 -19.39 -11.89
C GLN A 486 21.50 -18.75 -12.81
N LYS A 487 21.99 -18.06 -13.86
CA LYS A 487 21.12 -17.56 -14.91
C LYS A 487 20.14 -18.65 -15.28
N GLY A 488 18.87 -18.29 -15.38
CA GLY A 488 17.82 -19.24 -15.71
C GLY A 488 17.15 -19.81 -14.46
N ASP A 489 17.91 -20.07 -13.40
CA ASP A 489 17.30 -20.55 -12.16
C ASP A 489 16.25 -19.58 -11.63
N VAL A 490 16.58 -18.31 -11.59
CA VAL A 490 15.77 -17.31 -10.90
C VAL A 490 14.69 -16.71 -11.79
N GLU A 491 13.44 -16.91 -11.39
CA GLU A 491 12.29 -16.37 -12.10
C GLU A 491 11.74 -15.14 -11.39
N MET A 492 11.88 -15.04 -10.08
CA MET A 492 11.43 -13.87 -9.37
C MET A 492 12.50 -13.42 -8.38
N LEU A 493 12.87 -12.14 -8.46
CA LEU A 493 13.87 -11.53 -7.58
C LEU A 493 13.18 -10.45 -6.75
N CYS A 494 13.26 -10.57 -5.42
CA CYS A 494 12.68 -9.58 -4.51
C CYS A 494 13.66 -9.29 -3.38
N GLY A 495 13.45 -8.17 -2.69
CA GLY A 495 14.35 -7.81 -1.62
C GLY A 495 14.16 -6.41 -1.08
N GLY A 496 14.70 -6.15 0.11
CA GLY A 496 14.68 -4.83 0.68
C GLY A 496 16.06 -4.30 0.99
N PRO A 497 16.75 -3.78 -0.03
CA PRO A 497 18.14 -3.24 0.19
C PRO A 497 18.18 -2.08 1.16
N PRO A 498 18.89 -2.20 2.24
CA PRO A 498 18.98 -1.09 3.16
C PRO A 498 19.58 0.16 2.50
N CYS A 499 18.43 0.99 2.40
CA CYS A 499 18.99 2.21 1.84
C CYS A 499 19.39 3.18 2.96
N GLN A 500 20.52 2.94 3.61
CA GLN A 500 21.27 3.84 4.51
C GLN A 500 22.07 4.94 3.81
N GLY A 501 22.35 6.01 4.57
CA GLY A 501 23.15 7.18 4.17
C GLY A 501 22.71 8.03 3.01
N PHE A 502 21.44 7.98 2.66
CA PHE A 502 20.72 8.86 1.75
C PHE A 502 19.59 9.67 2.38
N SER A 503 19.40 9.57 3.69
CA SER A 503 18.27 10.28 4.30
C SER A 503 18.44 11.79 4.26
N GLY A 504 17.32 12.48 4.35
CA GLY A 504 17.32 13.92 4.34
C GLY A 504 17.40 14.41 2.90
N MET A 505 17.41 15.73 2.76
CA MET A 505 17.29 16.31 1.43
C MET A 505 18.39 17.25 1.02
N ASN A 506 19.65 16.91 1.24
CA ASN A 506 20.50 17.83 0.53
C ASN A 506 20.76 17.27 -0.85
N ARG A 507 21.24 18.17 -1.71
CA ARG A 507 21.47 17.83 -3.10
C ARG A 507 22.46 16.69 -3.21
N PHE A 508 22.34 16.38 -4.37
CA PHE A 508 23.41 15.46 -4.62
C PHE A 508 24.49 16.13 -5.48
N ASN A 509 25.74 15.70 -5.37
CA ASN A 509 26.96 16.39 -5.82
C ASN A 509 27.87 15.38 -6.50
N SER A 510 29.16 15.68 -6.57
CA SER A 510 30.03 14.68 -7.17
C SER A 510 30.22 13.50 -6.22
N ARG A 511 30.51 13.80 -4.94
CA ARG A 511 30.76 12.75 -3.97
C ARG A 511 29.58 11.83 -3.63
N THR A 512 28.37 12.37 -3.39
CA THR A 512 27.18 11.55 -3.12
C THR A 512 26.72 10.65 -4.27
N TYR A 513 26.71 11.16 -5.52
CA TYR A 513 26.25 10.36 -6.65
C TYR A 513 27.05 9.06 -6.81
N SER A 514 28.36 9.09 -6.52
CA SER A 514 29.11 7.85 -6.62
C SER A 514 28.77 6.80 -5.55
N LYS A 515 28.72 7.15 -4.24
CA LYS A 515 28.36 6.08 -3.28
C LYS A 515 27.05 5.44 -3.69
N PHE A 516 26.16 6.17 -4.38
CA PHE A 516 24.94 5.48 -4.79
C PHE A 516 25.32 4.35 -5.73
N LYS A 517 26.23 4.61 -6.66
CA LYS A 517 26.67 3.58 -7.59
C LYS A 517 27.34 2.41 -6.85
N ASN A 518 27.74 2.60 -5.59
CA ASN A 518 28.43 1.57 -4.80
C ASN A 518 27.57 1.09 -3.61
N SER A 519 26.28 1.42 -3.61
CA SER A 519 25.35 1.11 -2.53
C SER A 519 24.71 -0.25 -2.76
N LEU A 520 23.98 -0.71 -1.73
CA LEU A 520 23.32 -1.99 -1.79
C LEU A 520 22.11 -1.90 -2.72
N VAL A 521 21.59 -0.69 -2.93
CA VAL A 521 20.50 -0.55 -3.88
C VAL A 521 21.01 -0.86 -5.29
N VAL A 522 22.23 -0.46 -5.62
CA VAL A 522 22.85 -0.81 -6.91
C VAL A 522 23.14 -2.31 -6.96
N SER A 523 23.61 -2.89 -5.86
CA SER A 523 23.80 -4.35 -5.82
C SER A 523 22.52 -5.08 -6.17
N PHE A 524 21.38 -4.67 -5.59
CA PHE A 524 20.14 -5.35 -5.92
C PHE A 524 19.82 -5.27 -7.42
N LEU A 525 19.97 -4.10 -8.03
CA LEU A 525 19.76 -3.93 -9.46
C LEU A 525 20.74 -4.74 -10.30
N SER A 526 21.98 -4.88 -9.81
CA SER A 526 22.98 -5.67 -10.50
C SER A 526 22.48 -7.10 -10.59
N TYR A 527 21.86 -7.57 -9.49
CA TYR A 527 21.23 -8.87 -9.48
C TYR A 527 20.15 -8.95 -10.56
N CYS A 528 19.30 -7.94 -10.62
CA CYS A 528 18.27 -7.91 -11.65
C CYS A 528 18.91 -8.00 -13.03
N ASP A 529 19.98 -7.23 -13.25
CA ASP A 529 20.58 -7.23 -14.59
C ASP A 529 21.14 -8.60 -14.97
N TYR A 530 21.83 -9.27 -14.05
CA TYR A 530 22.39 -10.57 -14.40
C TYR A 530 21.30 -11.63 -14.60
N TYR A 531 20.42 -11.83 -13.61
CA TYR A 531 19.46 -12.93 -13.66
C TYR A 531 18.26 -12.69 -14.54
N ARG A 532 17.94 -11.44 -14.86
CA ARG A 532 16.81 -11.06 -15.71
C ARG A 532 15.58 -11.86 -15.24
N PRO A 533 15.11 -11.65 -14.02
CA PRO A 533 13.95 -12.43 -13.56
C PRO A 533 12.70 -11.94 -14.26
N ARG A 534 11.66 -12.79 -14.23
CA ARG A 534 10.39 -12.41 -14.83
C ARG A 534 9.77 -11.25 -14.10
N PHE A 535 9.92 -11.23 -12.78
CA PHE A 535 9.32 -10.21 -11.93
C PHE A 535 10.36 -9.74 -10.93
N PHE A 536 10.30 -8.46 -10.57
CA PHE A 536 11.26 -7.80 -9.69
C PHE A 536 10.52 -6.91 -8.72
N LEU A 537 10.79 -7.08 -7.43
CA LEU A 537 10.15 -6.35 -6.33
C LEU A 537 11.21 -5.73 -5.43
N LEU A 538 11.21 -4.41 -5.32
CA LEU A 538 12.09 -3.72 -4.37
C LEU A 538 11.25 -3.02 -3.30
N GLU A 539 11.39 -3.45 -2.05
CA GLU A 539 10.65 -2.82 -0.97
C GLU A 539 11.61 -1.93 -0.14
N ASN A 540 11.04 -0.92 0.52
CA ASN A 540 11.86 0.01 1.28
C ASN A 540 10.96 0.91 2.11
N VAL A 541 11.61 1.75 2.92
CA VAL A 541 10.94 2.80 3.69
C VAL A 541 10.37 3.82 2.72
N ARG A 542 9.22 4.41 3.08
CA ARG A 542 8.54 5.41 2.25
C ARG A 542 9.52 6.39 1.60
N ASN A 543 10.44 6.94 2.37
CA ASN A 543 11.28 8.01 1.81
C ASN A 543 12.29 7.53 0.77
N PHE A 544 12.28 6.28 0.36
CA PHE A 544 13.07 5.90 -0.81
C PHE A 544 12.71 6.78 -2.00
N VAL A 545 11.43 7.11 -2.14
CA VAL A 545 10.94 7.90 -3.27
C VAL A 545 11.33 9.37 -3.19
N SER A 546 11.76 9.84 -2.04
CA SER A 546 12.01 11.25 -1.87
C SER A 546 13.47 11.52 -1.53
N TYR A 547 14.21 10.46 -1.19
CA TYR A 547 15.65 10.58 -0.92
C TYR A 547 16.38 11.31 -2.04
N ARG A 548 17.19 12.27 -1.63
CA ARG A 548 18.04 13.08 -2.49
C ARG A 548 17.29 13.65 -3.69
N ASP A 549 16.24 14.44 -3.40
CA ASP A 549 15.40 15.08 -4.42
C ASP A 549 14.74 14.06 -5.36
N SER A 550 14.37 12.90 -4.81
CA SER A 550 13.84 11.79 -5.59
C SER A 550 14.88 11.19 -6.55
N MET A 551 16.15 11.57 -6.45
CA MET A 551 17.13 11.03 -7.38
C MET A 551 17.42 9.54 -7.16
N VAL A 552 17.28 9.01 -5.94
CA VAL A 552 17.45 7.57 -5.78
C VAL A 552 16.37 6.85 -6.56
N LEU A 553 15.12 7.25 -6.32
CA LEU A 553 14.01 6.69 -7.08
C LEU A 553 14.22 6.85 -8.58
N LYS A 554 14.69 8.02 -9.03
CA LYS A 554 14.80 8.27 -10.47
C LYS A 554 15.91 7.42 -11.07
N LEU A 555 17.02 7.25 -10.35
CA LEU A 555 18.10 6.43 -10.87
C LEU A 555 17.68 4.96 -10.91
N THR A 556 16.86 4.52 -9.95
CA THR A 556 16.46 3.12 -10.00
C THR A 556 15.42 2.85 -11.08
N LEU A 557 14.53 3.79 -11.35
CA LEU A 557 13.62 3.59 -12.47
C LEU A 557 14.37 3.67 -13.78
N ARG A 558 15.29 4.65 -13.91
CA ARG A 558 16.12 4.73 -15.11
C ARG A 558 16.86 3.44 -15.38
N CYS A 559 17.39 2.82 -14.33
CA CYS A 559 18.15 1.59 -14.48
C CYS A 559 17.31 0.44 -15.01
N LEU A 560 16.11 0.26 -14.46
CA LEU A 560 15.22 -0.81 -14.91
C LEU A 560 14.86 -0.63 -16.38
N VAL A 561 14.63 0.62 -16.79
CA VAL A 561 14.29 0.92 -18.18
C VAL A 561 15.44 0.61 -19.13
N ARG A 562 16.68 1.01 -18.77
CA ARG A 562 17.84 0.74 -19.63
C ARG A 562 17.96 -0.74 -19.98
N MET A 563 17.60 -1.64 -19.05
CA MET A 563 17.62 -3.09 -19.24
C MET A 563 16.46 -3.60 -20.09
N GLY A 564 15.42 -2.78 -20.30
CA GLY A 564 14.25 -3.19 -21.04
C GLY A 564 13.08 -3.69 -20.20
N TYR A 565 13.12 -3.45 -18.89
CA TYR A 565 12.05 -3.89 -17.98
C TYR A 565 10.85 -2.95 -18.04
N GLN A 566 9.65 -3.51 -17.97
CA GLN A 566 8.49 -2.70 -17.62
C GLN A 566 8.60 -2.37 -16.14
N CYS A 567 8.16 -1.18 -15.74
CA CYS A 567 8.30 -0.87 -14.32
C CYS A 567 7.40 0.28 -13.87
N THR A 568 7.16 0.31 -12.57
CA THR A 568 6.44 1.38 -11.90
C THR A 568 6.82 1.41 -10.42
N PHE A 569 6.33 2.44 -9.72
CA PHE A 569 6.54 2.57 -8.27
C PHE A 569 5.26 3.06 -7.63
N GLY A 570 5.17 2.90 -6.31
CA GLY A 570 4.02 3.37 -5.55
C GLY A 570 4.26 3.23 -4.07
N VAL A 571 3.39 3.84 -3.27
CA VAL A 571 3.45 3.71 -1.82
C VAL A 571 2.21 2.98 -1.32
N LEU A 572 2.41 2.04 -0.40
CA LEU A 572 1.32 1.30 0.22
C LEU A 572 1.37 1.43 1.74
N GLN A 573 0.20 1.24 2.36
CA GLN A 573 0.06 1.32 3.82
C GLN A 573 -0.37 -0.05 4.33
N ALA A 574 0.53 -0.69 5.08
CA ALA A 574 0.28 -2.04 5.56
C ALA A 574 -1.05 -2.16 6.30
N GLY A 575 -1.39 -1.12 7.09
CA GLY A 575 -2.65 -1.10 7.82
C GLY A 575 -3.86 -1.42 6.97
N GLN A 576 -3.81 -1.06 5.69
CA GLN A 576 -4.92 -1.28 4.77
C GLN A 576 -5.00 -2.71 4.24
N TYR A 577 -4.12 -3.62 4.70
CA TYR A 577 -4.15 -5.00 4.24
C TYR A 577 -4.31 -5.98 5.39
N GLY A 578 -4.80 -5.51 6.52
CA GLY A 578 -5.26 -6.35 7.59
C GLY A 578 -4.35 -6.47 8.78
N VAL A 579 -3.53 -5.44 9.03
CA VAL A 579 -2.65 -5.37 10.18
C VAL A 579 -2.88 -4.06 10.95
N ALA A 580 -2.73 -4.09 12.29
CA ALA A 580 -2.97 -2.91 13.16
C ALA A 580 -1.72 -2.09 13.40
N GLN A 581 -1.18 -1.51 12.33
CA GLN A 581 0.11 -0.83 12.40
C GLN A 581 0.25 0.17 11.24
N THR A 582 0.89 1.32 11.50
CA THR A 582 1.22 2.25 10.43
C THR A 582 2.53 1.90 9.79
N ARG A 583 2.51 1.54 8.51
CA ARG A 583 3.80 1.21 7.93
C ARG A 583 3.71 1.47 6.43
N ARG A 584 4.16 2.66 6.00
CA ARG A 584 4.23 3.01 4.59
C ARG A 584 5.53 2.54 4.01
N ARG A 585 5.44 1.88 2.87
CA ARG A 585 6.59 1.34 2.21
C ARG A 585 6.54 1.79 0.76
N ALA A 586 7.73 1.99 0.19
CA ALA A 586 7.88 2.29 -1.22
C ALA A 586 7.97 0.92 -1.86
N ILE A 587 7.47 0.80 -3.08
CA ILE A 587 7.47 -0.50 -3.74
C ILE A 587 7.80 -0.28 -5.20
N ILE A 588 8.87 -0.89 -5.70
CA ILE A 588 9.17 -0.83 -7.13
C ILE A 588 8.86 -2.18 -7.74
N LEU A 589 7.94 -2.19 -8.70
CA LEU A 589 7.57 -3.43 -9.39
C LEU A 589 8.23 -3.38 -10.75
N ALA A 590 8.70 -4.51 -11.24
CA ALA A 590 9.22 -4.56 -12.61
C ALA A 590 8.87 -5.90 -13.21
N ALA A 591 8.63 -5.92 -14.53
CA ALA A 591 8.28 -7.14 -15.25
C ALA A 591 9.05 -7.26 -16.57
N ALA A 592 9.47 -8.48 -16.90
CA ALA A 592 10.23 -8.67 -18.14
C ALA A 592 9.33 -8.37 -19.35
N PRO A 593 9.93 -7.97 -20.50
CA PRO A 593 9.16 -7.62 -21.70
C PRO A 593 7.91 -8.46 -21.99
N GLY A 594 8.05 -9.76 -21.88
CA GLY A 594 6.96 -10.65 -22.24
C GLY A 594 5.82 -10.75 -21.23
N GLU A 595 5.91 -10.10 -20.06
CA GLU A 595 4.98 -10.28 -18.97
C GLU A 595 3.97 -9.14 -18.89
N LYS A 596 3.01 -9.27 -17.97
CA LYS A 596 2.16 -8.15 -17.55
C LYS A 596 2.78 -7.42 -16.36
N LEU A 597 2.79 -6.08 -16.40
CA LEU A 597 3.23 -5.31 -15.24
C LEU A 597 2.12 -5.31 -14.18
N PRO A 598 2.39 -5.78 -12.97
CA PRO A 598 1.33 -5.86 -11.94
C PRO A 598 0.73 -4.51 -11.53
N LEU A 599 -0.47 -4.59 -10.94
CA LEU A 599 -1.07 -3.41 -10.33
C LEU A 599 -0.80 -3.45 -8.82
N PHE A 600 -0.95 -2.30 -8.18
CA PHE A 600 -0.89 -2.25 -6.72
C PHE A 600 -2.20 -2.72 -6.13
N PRO A 601 -2.16 -3.45 -5.02
CA PRO A 601 -3.39 -4.06 -4.51
C PRO A 601 -4.35 -3.01 -3.95
N GLU A 602 -5.63 -3.24 -4.19
CA GLU A 602 -6.63 -2.34 -3.68
C GLU A 602 -6.71 -2.51 -2.15
N PRO A 603 -6.71 -1.41 -1.40
CA PRO A 603 -6.88 -1.49 0.06
C PRO A 603 -8.03 -2.39 0.47
N LEU A 604 -7.80 -3.19 1.50
CA LEU A 604 -8.84 -4.07 2.02
C LEU A 604 -9.50 -3.54 3.29
N HIS A 605 -8.77 -2.80 4.13
CA HIS A 605 -9.27 -2.32 5.41
C HIS A 605 -9.26 -0.81 5.49
N VAL A 606 -10.29 -0.26 6.14
CA VAL A 606 -10.29 1.17 6.40
C VAL A 606 -9.20 1.42 7.42
N PHE A 607 -8.52 2.53 7.27
CA PHE A 607 -7.44 2.90 8.16
C PHE A 607 -7.42 4.42 8.33
N ALA A 608 -6.78 4.85 9.41
CA ALA A 608 -6.59 6.25 9.76
C ALA A 608 -6.09 7.09 8.58
N PRO A 609 -6.87 8.05 8.09
CA PRO A 609 -6.46 8.84 6.89
C PRO A 609 -5.06 9.42 6.93
N ARG A 610 -4.60 9.92 8.09
CA ARG A 610 -3.29 10.56 8.18
C ARG A 610 -2.19 9.57 7.80
N ALA A 611 -2.46 8.29 7.91
CA ALA A 611 -1.45 7.31 7.56
C ALA A 611 -1.60 6.81 6.15
N CYS A 612 -2.56 7.33 5.36
CA CYS A 612 -2.74 6.82 4.00
C CYS A 612 -2.48 7.87 2.89
N GLN A 613 -1.47 8.75 3.03
CA GLN A 613 -1.00 9.59 1.92
C GLN A 613 0.05 8.81 1.14
N LEU A 614 -0.42 8.12 0.12
CA LEU A 614 0.26 7.15 -0.70
C LEU A 614 0.84 7.79 -1.96
N SER A 615 0.58 9.07 -2.13
CA SER A 615 0.95 9.78 -3.31
C SER A 615 2.39 10.30 -3.16
N VAL A 616 3.07 10.46 -4.30
CA VAL A 616 4.46 10.90 -4.35
C VAL A 616 4.67 12.06 -5.30
N VAL A 617 5.46 13.06 -4.86
CA VAL A 617 5.78 14.24 -5.66
C VAL A 617 7.21 14.10 -6.13
N VAL A 618 7.43 14.12 -7.44
CA VAL A 618 8.77 14.07 -8.01
C VAL A 618 8.92 15.30 -8.90
N ASP A 619 9.75 16.26 -8.49
CA ASP A 619 9.89 17.51 -9.24
C ASP A 619 8.53 18.20 -9.47
N ASP A 620 7.77 18.37 -8.39
CA ASP A 620 6.48 19.07 -8.39
C ASP A 620 5.34 18.30 -9.09
N LYS A 621 5.63 17.21 -9.82
CA LYS A 621 4.61 16.35 -10.42
C LYS A 621 4.11 15.32 -9.40
N LYS A 622 2.80 15.23 -9.22
CA LYS A 622 2.18 14.28 -8.28
C LYS A 622 1.94 12.95 -8.97
N PHE A 623 2.54 11.87 -8.44
CA PHE A 623 2.32 10.53 -8.96
C PHE A 623 1.47 9.73 -7.98
N VAL A 624 0.52 8.95 -8.50
CA VAL A 624 -0.29 8.06 -7.70
C VAL A 624 -0.21 6.65 -8.29
N SER A 625 -0.61 5.65 -7.51
CA SER A 625 -0.66 4.31 -8.07
C SER A 625 -2.03 4.06 -8.66
N ASN A 626 -2.21 2.87 -9.20
CA ASN A 626 -3.49 2.52 -9.80
C ASN A 626 -4.57 2.36 -8.74
N ILE A 627 -4.20 2.34 -7.46
CA ILE A 627 -5.16 2.12 -6.41
C ILE A 627 -6.31 3.10 -6.54
N THR A 628 -7.53 2.57 -6.52
CA THR A 628 -8.73 3.34 -6.77
C THR A 628 -9.53 3.63 -5.49
N ARG A 629 -9.47 2.74 -4.48
CA ARG A 629 -10.18 2.88 -3.19
C ARG A 629 -9.44 3.88 -2.30
N LEU A 630 -9.77 5.15 -2.52
CA LEU A 630 -9.07 6.26 -1.91
C LEU A 630 -9.68 6.71 -0.59
N SER A 631 -10.79 6.12 -0.17
CA SER A 631 -11.29 6.43 1.15
C SER A 631 -11.69 5.17 1.89
N SER A 632 -12.92 4.72 1.65
CA SER A 632 -13.49 3.58 2.37
C SER A 632 -12.91 2.26 1.84
N GLY A 633 -13.51 1.14 2.24
CA GLY A 633 -13.07 -0.19 1.82
C GLY A 633 -13.94 -1.32 2.37
N PRO A 634 -13.71 -2.54 1.89
CA PRO A 634 -14.56 -3.68 2.30
C PRO A 634 -14.58 -4.00 3.79
N PHE A 635 -13.45 -3.90 4.49
CA PHE A 635 -13.40 -4.45 5.83
C PHE A 635 -13.05 -3.43 6.90
N ARG A 636 -13.62 -3.65 8.09
CA ARG A 636 -13.35 -2.78 9.22
C ARG A 636 -11.87 -2.90 9.61
N THR A 637 -11.36 -1.84 10.24
CA THR A 637 -9.96 -1.79 10.64
C THR A 637 -9.63 -2.82 11.72
N ILE A 638 -8.38 -3.29 11.69
CA ILE A 638 -7.86 -4.25 12.66
C ILE A 638 -7.18 -3.42 13.76
N THR A 639 -7.67 -3.54 15.01
CA THR A 639 -7.21 -2.74 16.16
C THR A 639 -6.13 -3.45 16.98
N VAL A 640 -5.54 -2.71 17.92
CA VAL A 640 -4.59 -3.34 18.82
C VAL A 640 -5.28 -4.48 19.55
N ARG A 641 -6.58 -4.30 19.86
CA ARG A 641 -7.38 -5.32 20.53
C ARG A 641 -7.49 -6.58 19.69
N ASP A 642 -7.95 -6.45 18.43
CA ASP A 642 -8.01 -7.61 17.54
C ASP A 642 -6.68 -8.35 17.54
N THR A 643 -5.60 -7.61 17.76
CA THR A 643 -4.24 -8.08 17.59
C THR A 643 -3.73 -8.93 18.74
N MET A 644 -4.11 -8.65 20.00
CA MET A 644 -3.43 -9.34 21.10
C MET A 644 -4.24 -9.47 22.40
N SER A 645 -5.58 -9.52 22.31
CA SER A 645 -6.46 -9.64 23.47
C SER A 645 -6.51 -11.05 24.02
N ASP A 646 -6.04 -12.06 23.28
CA ASP A 646 -6.08 -13.44 23.74
C ASP A 646 -4.82 -13.88 24.50
N LEU A 647 -3.77 -13.05 24.50
CA LEU A 647 -2.43 -13.40 25.01
C LEU A 647 -2.38 -13.37 26.54
N PRO A 648 -1.90 -14.44 27.18
CA PRO A 648 -1.80 -14.46 28.65
C PRO A 648 -0.98 -13.31 29.21
N GLU A 649 -1.26 -12.99 30.47
CA GLU A 649 -0.56 -11.91 31.14
C GLU A 649 0.88 -12.33 31.45
N ILE A 650 1.81 -11.43 31.15
CA ILE A 650 3.21 -11.63 31.51
C ILE A 650 3.66 -10.36 32.24
N GLN A 651 4.83 -10.45 32.88
CA GLN A 651 5.33 -9.39 33.74
C GLN A 651 6.53 -8.77 33.02
N ASN A 652 6.94 -7.56 33.44
CA ASN A 652 8.16 -6.98 32.91
C ASN A 652 9.33 -7.96 32.99
N GLY A 653 10.00 -8.21 31.86
CA GLY A 653 11.14 -9.10 31.87
C GLY A 653 10.89 -10.59 31.69
N ALA A 654 9.62 -11.02 31.49
CA ALA A 654 9.23 -12.41 31.27
C ALA A 654 10.08 -13.09 30.20
N SER A 655 10.53 -14.31 30.49
CA SER A 655 11.51 -14.96 29.64
C SER A 655 11.18 -16.40 29.21
N ASN A 656 10.02 -16.92 29.59
CA ASN A 656 9.61 -18.25 29.19
C ASN A 656 9.10 -18.24 27.75
N SER A 657 9.92 -18.71 26.82
CA SER A 657 9.54 -18.60 25.42
C SER A 657 8.43 -19.56 25.02
N GLU A 658 8.06 -20.52 25.85
CA GLU A 658 6.93 -21.42 25.55
C GLU A 658 5.97 -21.58 26.71
N ILE A 659 4.79 -21.02 26.53
CA ILE A 659 3.71 -21.06 27.51
C ILE A 659 2.44 -21.38 26.74
N PRO A 660 1.45 -21.93 27.42
CA PRO A 660 0.22 -22.27 26.72
C PRO A 660 -0.67 -21.04 26.63
N TYR A 661 -1.39 -20.95 25.53
CA TYR A 661 -2.52 -20.02 25.46
C TYR A 661 -3.35 -20.56 26.59
N ASN A 662 -3.83 -19.69 27.47
CA ASN A 662 -4.70 -20.21 28.49
C ASN A 662 -6.15 -19.89 28.20
N GLY A 663 -6.49 -19.78 26.92
CA GLY A 663 -7.83 -19.45 26.46
C GLY A 663 -7.91 -19.17 24.97
N GLU A 664 -8.91 -19.76 24.27
CA GLU A 664 -9.16 -19.66 22.80
C GLU A 664 -9.09 -18.29 22.13
N PRO A 665 -8.96 -18.26 20.80
CA PRO A 665 -9.07 -17.00 20.05
C PRO A 665 -10.36 -16.23 20.29
N LEU A 666 -10.19 -14.91 20.40
CA LEU A 666 -11.28 -13.95 20.57
C LEU A 666 -11.59 -13.11 19.32
N SER A 667 -10.60 -12.74 18.52
CA SER A 667 -10.77 -11.88 17.36
C SER A 667 -10.85 -12.69 16.08
N TRP A 668 -11.42 -12.07 15.04
CA TRP A 668 -11.30 -12.74 13.74
C TRP A 668 -9.82 -12.92 13.41
N PHE A 669 -9.03 -11.86 13.64
CA PHE A 669 -7.59 -11.80 13.38
C PHE A 669 -6.84 -12.86 14.18
N GLN A 670 -7.24 -13.10 15.42
CA GLN A 670 -6.57 -14.12 16.22
C GLN A 670 -6.91 -15.52 15.74
N ARG A 671 -8.07 -15.71 15.11
CA ARG A 671 -8.39 -17.03 14.58
C ARG A 671 -7.51 -17.32 13.37
N GLN A 672 -7.27 -16.30 12.54
CA GLN A 672 -6.37 -16.39 11.40
C GLN A 672 -4.96 -16.71 11.83
N LEU A 673 -4.43 -16.00 12.82
CA LEU A 673 -3.01 -16.16 13.13
C LEU A 673 -2.69 -17.44 13.92
N ARG A 674 -3.63 -17.96 14.70
CA ARG A 674 -3.45 -19.15 15.53
C ARG A 674 -3.77 -20.44 14.77
N GLY A 675 -4.53 -20.33 13.70
CA GLY A 675 -4.95 -21.42 12.85
C GLY A 675 -6.26 -22.11 13.24
N SER A 676 -6.70 -22.96 12.31
CA SER A 676 -7.80 -23.89 12.41
C SER A 676 -7.41 -25.24 12.97
N HIS A 677 -6.19 -25.70 12.77
CA HIS A 677 -5.72 -26.94 13.35
C HIS A 677 -4.72 -26.63 14.49
N TYR A 678 -4.32 -27.73 15.15
CA TYR A 678 -3.78 -27.75 16.52
C TYR A 678 -2.45 -27.02 16.67
N GLN A 679 -2.41 -26.08 17.64
CA GLN A 679 -1.13 -25.93 18.31
C GLN A 679 -1.35 -25.34 19.70
N PRO A 680 -0.68 -25.89 20.70
CA PRO A 680 -0.86 -25.51 22.10
C PRO A 680 0.14 -24.48 22.56
N ILE A 681 1.18 -24.22 21.76
CA ILE A 681 2.33 -23.43 22.17
C ILE A 681 2.27 -21.96 21.79
N LEU A 682 2.32 -21.09 22.81
CA LEU A 682 2.44 -19.66 22.55
C LEU A 682 3.96 -19.39 22.59
N ARG A 683 4.53 -19.03 21.46
CA ARG A 683 5.97 -18.88 21.36
C ARG A 683 6.30 -17.41 21.50
N ASP A 684 7.42 -17.11 22.18
CA ASP A 684 7.97 -15.76 22.21
C ASP A 684 7.06 -14.72 22.87
N HIS A 685 6.24 -15.13 23.84
CA HIS A 685 5.49 -14.14 24.60
C HIS A 685 6.40 -13.70 25.75
N ILE A 686 7.47 -13.01 25.35
CA ILE A 686 8.51 -12.58 26.29
C ILE A 686 8.76 -11.09 26.06
N CYS A 687 9.18 -10.41 27.11
CA CYS A 687 9.42 -8.99 26.98
C CYS A 687 10.71 -8.62 27.71
N LYS A 688 11.27 -7.48 27.32
CA LYS A 688 12.53 -7.01 27.88
C LYS A 688 12.40 -6.71 29.38
N ASP A 689 13.51 -6.89 30.11
CA ASP A 689 13.60 -6.64 31.55
C ASP A 689 14.17 -5.24 31.83
N MET A 690 13.27 -4.28 32.07
CA MET A 690 13.51 -2.86 32.33
C MET A 690 14.11 -2.59 33.70
N SER A 691 14.79 -1.43 33.83
CA SER A 691 15.38 -1.05 35.13
C SER A 691 14.29 -1.01 36.19
N PRO A 692 14.64 -1.16 37.47
CA PRO A 692 13.62 -1.00 38.51
C PRO A 692 12.89 0.32 38.33
N LEU A 693 13.68 1.35 38.02
CA LEU A 693 13.21 2.70 37.73
C LEU A 693 12.28 2.72 36.53
N VAL A 694 12.72 2.14 35.40
CA VAL A 694 11.87 2.18 34.22
C VAL A 694 10.61 1.37 34.44
N ALA A 695 10.73 0.27 35.18
CA ALA A 695 9.58 -0.54 35.56
C ALA A 695 8.59 0.27 36.40
N ALA A 696 9.11 1.11 37.30
CA ALA A 696 8.25 1.90 38.18
C ALA A 696 7.49 2.94 37.35
N ARG A 697 8.19 3.64 36.47
CA ARG A 697 7.53 4.61 35.60
C ARG A 697 6.37 3.90 34.89
N MET A 698 6.59 2.69 34.45
CA MET A 698 5.54 2.00 33.71
C MET A 698 4.30 1.71 34.60
N ARG A 699 4.49 1.15 35.82
CA ARG A 699 3.34 0.97 36.74
C ARG A 699 2.50 2.25 36.92
N HIS A 700 3.10 3.44 36.69
CA HIS A 700 2.54 4.78 36.93
C HIS A 700 2.01 5.51 35.70
N ILE A 701 2.01 4.92 34.51
CA ILE A 701 1.32 5.53 33.38
C ILE A 701 -0.13 5.09 33.44
N PRO A 702 -1.09 6.02 33.58
CA PRO A 702 -2.49 5.63 33.74
C PRO A 702 -2.98 4.88 32.52
N LEU A 703 -4.09 4.14 32.63
CA LEU A 703 -4.49 3.34 31.48
C LEU A 703 -5.39 4.06 30.48
N PHE A 704 -5.78 5.32 30.72
CA PHE A 704 -6.60 6.10 29.78
C PHE A 704 -5.92 6.37 28.44
N PRO A 705 -6.65 6.24 27.33
CA PRO A 705 -6.08 6.53 26.00
C PRO A 705 -5.38 7.88 26.02
N GLY A 706 -4.17 7.91 25.50
CA GLY A 706 -3.39 9.11 25.38
C GLY A 706 -2.40 9.34 26.49
N SER A 707 -2.40 8.50 27.53
CA SER A 707 -1.49 8.65 28.66
C SER A 707 -0.03 8.49 28.25
N ASP A 708 0.84 9.36 28.73
CA ASP A 708 2.28 9.20 28.52
C ASP A 708 3.02 9.78 29.72
N TRP A 709 4.27 10.15 29.52
CA TRP A 709 5.10 10.54 30.66
C TRP A 709 4.58 11.78 31.39
N ARG A 710 3.80 12.63 30.71
CA ARG A 710 3.36 13.88 31.31
C ARG A 710 2.30 13.64 32.34
N ASP A 711 1.84 12.40 32.46
CA ASP A 711 0.85 12.03 33.46
C ASP A 711 1.50 11.53 34.75
N LEU A 712 2.81 11.32 34.73
CA LEU A 712 3.57 10.79 35.87
C LEU A 712 3.46 11.70 37.10
N PRO A 713 3.25 11.13 38.30
CA PRO A 713 3.22 11.94 39.51
C PRO A 713 4.61 12.23 40.07
N ASN A 714 4.79 13.44 40.64
CA ASN A 714 6.09 13.81 41.21
C ASN A 714 6.15 13.36 42.66
N ILE A 715 6.35 12.05 42.80
CA ILE A 715 6.33 11.36 44.08
C ILE A 715 7.57 10.49 44.24
N GLN A 716 7.83 10.14 45.48
CA GLN A 716 8.87 9.17 45.83
C GLN A 716 8.23 7.80 45.59
N VAL A 717 8.98 6.88 44.97
CA VAL A 717 8.48 5.54 44.72
C VAL A 717 9.47 4.50 45.22
N ARG A 718 8.96 3.46 45.86
CA ARG A 718 9.79 2.33 46.19
C ARG A 718 10.00 1.46 44.97
N LEU A 719 11.25 1.32 44.60
CA LEU A 719 11.67 0.63 43.40
C LEU A 719 11.76 -0.85 43.72
N GLY A 720 11.98 -1.66 42.71
CA GLY A 720 12.05 -3.09 42.89
C GLY A 720 13.31 -3.50 43.59
N ASP A 721 14.28 -2.61 43.59
CA ASP A 721 15.56 -2.83 44.24
C ASP A 721 15.33 -2.71 45.73
N GLY A 722 14.39 -1.85 46.08
CA GLY A 722 14.07 -1.55 47.45
C GLY A 722 14.62 -0.18 47.78
N VAL A 723 14.90 0.59 46.76
CA VAL A 723 15.45 1.90 46.82
C VAL A 723 14.29 2.81 46.73
N ILE A 724 14.47 4.08 47.00
CA ILE A 724 13.39 5.04 46.90
C ILE A 724 13.85 6.08 45.92
N ALA A 725 12.99 6.48 45.00
CA ALA A 725 13.35 7.47 44.04
C ALA A 725 12.97 8.74 44.64
N HIS A 726 13.82 9.74 44.54
CA HIS A 726 13.49 11.02 45.12
C HIS A 726 12.67 11.83 44.11
N LYS A 727 12.16 12.93 44.59
CA LYS A 727 11.39 13.88 43.77
C LYS A 727 12.23 14.76 42.90
N LEU A 728 11.74 14.97 41.69
CA LEU A 728 12.34 15.95 40.81
C LEU A 728 12.02 17.33 41.35
N GLN A 729 13.02 18.18 41.32
CA GLN A 729 12.91 19.53 41.85
C GLN A 729 12.94 20.54 40.72
N TYR A 730 12.08 21.53 40.83
CA TYR A 730 12.00 22.57 39.83
C TYR A 730 12.53 23.84 40.50
N THR A 731 13.70 24.29 40.02
CA THR A 731 14.40 25.41 40.63
C THR A 731 14.81 26.49 39.63
N PHE A 732 14.26 26.47 38.43
CA PHE A 732 14.51 27.45 37.40
C PHE A 732 13.14 27.78 36.81
N HIS A 733 13.00 28.99 36.33
CA HIS A 733 11.86 29.53 35.58
C HIS A 733 11.86 29.18 34.08
N ASP A 734 10.71 29.30 33.47
CA ASP A 734 10.55 28.99 32.11
C ASP A 734 9.85 30.20 31.63
N VAL A 735 10.55 31.11 30.98
CA VAL A 735 9.79 32.29 30.53
C VAL A 735 8.72 31.85 29.53
N LYS A 736 8.97 30.75 28.81
CA LYS A 736 7.99 30.35 27.82
C LYS A 736 6.84 29.59 28.47
N ASN A 737 7.09 28.79 29.50
CA ASN A 737 6.02 27.95 30.05
C ASN A 737 5.38 28.54 31.31
N GLY A 738 6.03 29.50 31.97
CA GLY A 738 5.52 30.25 33.11
C GLY A 738 5.46 29.55 34.45
N TYR A 739 4.72 30.18 35.39
CA TYR A 739 4.53 29.52 36.68
C TYR A 739 3.36 28.57 36.63
N SER A 740 3.32 27.67 37.60
CA SER A 740 2.18 26.80 37.57
C SER A 740 1.05 27.33 38.45
N SER A 741 -0.07 26.60 38.44
CA SER A 741 -1.22 26.98 39.23
C SER A 741 -0.94 26.85 40.72
N THR A 742 0.06 26.07 41.11
CA THR A 742 0.41 25.98 42.50
C THR A 742 1.52 26.96 42.83
N GLY A 743 1.81 27.89 41.91
CA GLY A 743 2.82 28.90 42.11
C GLY A 743 4.23 28.37 42.07
N ALA A 744 4.41 27.16 41.54
CA ALA A 744 5.68 26.47 41.43
C ALA A 744 6.40 26.91 40.17
N LEU A 745 7.72 26.74 40.21
CA LEU A 745 8.53 26.96 39.02
C LEU A 745 8.43 25.74 38.12
N ARG A 746 8.79 25.89 36.84
CA ARG A 746 8.58 24.80 35.88
C ARG A 746 9.86 24.44 35.12
N GLY A 747 10.97 25.10 35.40
CA GLY A 747 12.24 24.83 34.75
C GLY A 747 13.09 23.91 35.60
N VAL A 748 13.82 23.04 34.94
CA VAL A 748 14.69 22.11 35.64
C VAL A 748 16.16 22.37 35.31
N CYS A 749 16.45 23.45 34.58
CA CYS A 749 17.81 23.84 34.24
C CYS A 749 17.85 25.33 33.97
N SER A 750 19.05 25.90 34.06
CA SER A 750 19.24 27.33 33.79
C SER A 750 18.94 27.73 32.34
N CYS A 751 18.99 26.79 31.38
CA CYS A 751 18.76 27.14 29.97
C CYS A 751 17.31 27.50 29.73
N ALA A 752 16.44 27.17 30.67
CA ALA A 752 15.05 27.50 30.66
C ALA A 752 14.76 28.97 30.91
N GLU A 753 15.75 29.76 31.32
CA GLU A 753 15.45 31.18 31.59
C GLU A 753 15.88 32.40 30.74
N GLY A 754 16.39 32.27 29.52
CA GLY A 754 17.06 31.07 29.05
C GLY A 754 18.50 31.49 29.03
N LYS A 755 19.36 30.75 29.69
CA LYS A 755 20.74 31.12 29.69
C LYS A 755 21.53 30.03 29.04
N ALA A 756 22.33 29.31 29.80
CA ALA A 756 23.09 28.20 29.23
C ALA A 756 23.01 27.06 30.22
N CYS A 757 23.38 25.85 29.78
CA CYS A 757 23.20 24.75 30.73
C CYS A 757 24.16 24.96 31.91
N ASP A 758 23.55 24.82 33.08
CA ASP A 758 24.10 24.80 34.44
C ASP A 758 24.86 23.51 34.75
N PRO A 759 26.08 23.62 35.26
CA PRO A 759 26.86 22.42 35.59
C PRO A 759 26.25 21.37 36.52
N GLU A 760 25.49 21.72 37.57
CA GLU A 760 24.98 20.69 38.47
C GLU A 760 23.49 20.38 38.34
N SER A 761 22.72 21.21 37.63
CA SER A 761 21.26 21.13 37.61
C SER A 761 20.78 19.69 37.41
N ARG A 762 21.40 18.96 36.51
CA ARG A 762 21.02 17.59 36.17
C ARG A 762 20.59 16.71 37.31
N GLN A 763 19.40 16.13 37.21
CA GLN A 763 18.93 15.24 38.26
C GLN A 763 18.74 13.76 37.90
N PHE A 764 19.12 12.91 38.84
CA PHE A 764 19.13 11.47 38.71
C PHE A 764 18.09 10.83 39.60
N SER A 765 17.82 9.56 39.29
CA SER A 765 16.91 8.60 39.96
C SER A 765 15.57 9.22 40.36
N THR A 766 14.84 9.75 39.36
CA THR A 766 13.54 10.38 39.56
C THR A 766 12.46 9.79 38.66
N LEU A 767 11.26 9.59 39.24
CA LEU A 767 10.14 8.99 38.50
C LEU A 767 9.87 9.75 37.22
N ILE A 768 9.80 11.07 37.31
CA ILE A 768 9.74 11.94 36.14
C ILE A 768 11.16 12.10 35.62
N PRO A 769 11.44 11.56 34.43
CA PRO A 769 12.79 11.62 33.88
C PRO A 769 13.24 13.06 33.83
N TRP A 770 14.39 13.31 34.43
CA TRP A 770 14.86 14.68 34.50
C TRP A 770 14.92 15.30 33.14
N CYS A 771 15.42 14.56 32.14
CA CYS A 771 15.68 15.20 30.85
C CYS A 771 14.42 15.65 30.13
N LEU A 772 13.34 14.87 30.18
CA LEU A 772 12.12 15.22 29.43
C LEU A 772 11.62 16.66 29.65
N PRO A 773 11.49 17.19 30.88
CA PRO A 773 11.25 18.64 30.99
C PRO A 773 12.40 19.53 30.52
N HIS A 774 13.67 19.11 30.68
CA HIS A 774 14.84 19.85 30.22
C HIS A 774 14.67 20.35 28.78
N THR A 775 14.30 19.45 27.88
CA THR A 775 14.18 19.76 26.46
C THR A 775 12.76 19.66 25.91
N GLY A 776 11.77 19.62 26.79
CA GLY A 776 10.39 19.45 26.35
C GLY A 776 9.95 20.46 25.31
N ASN A 777 10.34 21.71 25.50
CA ASN A 777 9.93 22.82 24.65
C ASN A 777 10.31 22.60 23.19
N ARG A 778 11.47 22.02 22.97
CA ARG A 778 11.99 21.84 21.64
C ARG A 778 11.39 20.76 20.78
N HIS A 779 10.56 19.91 21.50
CA HIS A 779 10.10 18.65 20.93
C HIS A 779 8.64 18.37 21.26
N ASN A 780 7.80 19.40 21.16
CA ASN A 780 6.39 19.25 21.47
C ASN A 780 6.16 18.42 22.72
N HIS A 781 6.91 18.76 23.78
CA HIS A 781 6.71 18.19 25.10
C HIS A 781 6.80 16.67 25.11
N TRP A 782 7.51 16.20 24.12
CA TRP A 782 7.76 14.80 24.01
C TRP A 782 6.52 13.95 24.13
N ALA A 783 5.48 14.31 23.42
CA ALA A 783 4.24 13.53 23.44
C ALA A 783 4.51 12.10 23.00
N GLY A 784 3.96 11.14 23.75
CA GLY A 784 4.07 9.76 23.39
C GLY A 784 5.09 8.98 24.18
N LEU A 785 6.16 9.64 24.64
CA LEU A 785 7.18 8.92 25.40
C LEU A 785 6.59 8.31 26.67
N TYR A 786 6.94 7.05 26.92
CA TYR A 786 6.36 6.21 27.95
C TYR A 786 4.84 6.15 27.80
N GLY A 787 4.37 6.15 26.55
CA GLY A 787 2.93 6.16 26.27
C GLY A 787 2.37 4.76 26.04
N ARG A 788 1.16 4.53 26.49
CA ARG A 788 0.45 3.27 26.26
C ARG A 788 -0.30 3.19 24.94
N LEU A 789 -0.20 2.02 24.32
CA LEU A 789 -1.06 1.70 23.19
C LEU A 789 -2.52 1.73 23.65
N GLU A 790 -3.43 2.02 22.74
CA GLU A 790 -4.86 1.97 23.02
C GLU A 790 -5.45 0.67 22.49
N TRP A 791 -6.38 0.05 23.23
CA TRP A 791 -7.04 -1.15 22.68
C TRP A 791 -7.71 -0.84 21.35
N ASP A 792 -8.25 0.38 21.22
CA ASP A 792 -8.97 0.79 20.02
C ASP A 792 -8.05 1.35 18.95
N GLY A 793 -6.78 1.59 19.24
CA GLY A 793 -5.87 2.16 18.26
C GLY A 793 -5.05 1.11 17.52
N PHE A 794 -3.85 1.50 17.11
CA PHE A 794 -2.96 0.64 16.33
C PHE A 794 -1.51 0.93 16.70
N PHE A 795 -0.64 -0.02 16.36
CA PHE A 795 0.79 0.18 16.59
C PHE A 795 1.38 1.30 15.73
N SER A 796 2.29 2.07 16.33
CA SER A 796 3.20 2.87 15.54
C SER A 796 4.10 1.90 14.81
N THR A 797 4.84 2.38 13.80
CA THR A 797 5.71 1.48 13.04
C THR A 797 6.44 0.59 14.04
N THR A 798 6.37 -0.71 13.81
CA THR A 798 6.92 -1.73 14.71
C THR A 798 8.42 -1.64 14.72
N VAL A 799 9.01 -1.47 15.91
CA VAL A 799 10.40 -1.12 15.94
C VAL A 799 11.29 -2.31 16.27
N THR A 800 12.57 -2.14 15.91
CA THR A 800 13.62 -3.12 16.13
C THR A 800 13.95 -3.34 17.61
N ASN A 801 13.78 -2.31 18.45
CA ASN A 801 14.11 -2.38 19.88
C ASN A 801 13.16 -1.52 20.72
N PRO A 802 12.04 -2.12 21.25
CA PRO A 802 11.03 -1.24 21.91
C PRO A 802 11.50 -0.54 23.19
N GLU A 803 11.61 0.78 23.16
CA GLU A 803 12.06 1.57 24.32
C GLU A 803 11.11 2.73 24.62
N PRO A 804 10.57 2.84 25.84
CA PRO A 804 9.69 3.99 26.19
C PRO A 804 10.24 5.39 25.85
N MET A 805 11.56 5.62 25.95
CA MET A 805 12.11 6.95 25.68
C MET A 805 12.79 7.00 24.32
N GLY A 806 12.67 5.94 23.54
CA GLY A 806 13.18 5.88 22.19
C GLY A 806 12.45 6.72 21.15
N LYS A 807 13.02 6.66 19.95
CA LYS A 807 12.53 7.38 18.79
C LYS A 807 11.03 7.19 18.76
N GLN A 808 10.60 5.94 18.58
CA GLN A 808 9.19 5.58 18.69
C GLN A 808 8.87 4.92 20.05
N GLY A 809 8.29 5.69 20.96
CA GLY A 809 8.04 5.19 22.31
C GLY A 809 6.65 4.79 22.77
N ARG A 810 5.60 4.82 21.91
CA ARG A 810 4.29 4.30 22.36
C ARG A 810 4.34 2.78 22.35
N VAL A 811 5.10 2.21 23.30
CA VAL A 811 5.32 0.77 23.30
C VAL A 811 4.85 0.08 24.60
N LEU A 812 4.21 0.80 25.53
CA LEU A 812 3.74 0.10 26.71
C LEU A 812 2.43 -0.60 26.37
N HIS A 813 2.25 -1.79 26.92
CA HIS A 813 0.99 -2.49 26.79
C HIS A 813 -0.16 -1.62 27.29
N PRO A 814 -1.37 -1.79 26.75
CA PRO A 814 -2.50 -0.95 27.18
C PRO A 814 -2.92 -1.11 28.64
N GLU A 815 -2.64 -2.26 29.32
CA GLU A 815 -3.03 -2.52 30.71
C GLU A 815 -1.86 -3.01 31.56
N GLN A 816 -0.98 -3.87 31.02
CA GLN A 816 0.11 -4.40 31.82
C GLN A 816 1.29 -3.42 31.82
N HIS A 817 2.13 -3.50 32.86
CA HIS A 817 3.18 -2.50 33.14
C HIS A 817 4.50 -2.98 32.56
N ARG A 818 4.56 -2.99 31.24
CA ARG A 818 5.65 -3.64 30.52
C ARG A 818 5.61 -3.14 29.09
N VAL A 819 6.72 -3.34 28.39
CA VAL A 819 6.72 -3.11 26.96
C VAL A 819 6.07 -4.29 26.25
N VAL A 820 5.69 -4.07 25.00
CA VAL A 820 5.08 -5.14 24.23
C VAL A 820 6.09 -6.31 24.07
N SER A 821 5.54 -7.50 23.90
CA SER A 821 6.30 -8.73 23.79
C SER A 821 6.72 -9.00 22.36
N VAL A 822 7.71 -9.88 22.19
CA VAL A 822 8.09 -10.32 20.85
C VAL A 822 6.87 -10.84 20.09
N ARG A 823 6.03 -11.66 20.73
CA ARG A 823 4.86 -12.19 20.03
C ARG A 823 3.88 -11.10 19.61
N GLU A 824 3.58 -10.18 20.52
CA GLU A 824 2.70 -9.06 20.22
C GLU A 824 3.25 -8.26 19.03
N CYS A 825 4.55 -7.96 19.02
CA CYS A 825 5.16 -7.30 17.87
C CYS A 825 5.01 -8.12 16.60
N ALA A 826 5.12 -9.45 16.72
CA ALA A 826 4.97 -10.28 15.54
C ALA A 826 3.54 -10.24 15.03
N ARG A 827 2.58 -10.12 15.97
CA ARG A 827 1.15 -9.97 15.70
C ARG A 827 0.82 -8.60 15.14
N SER A 828 1.59 -7.56 15.52
CA SER A 828 1.38 -6.22 14.98
C SER A 828 1.80 -6.18 13.52
N GLN A 829 2.85 -6.93 13.17
CA GLN A 829 3.10 -7.31 11.78
C GLN A 829 2.10 -8.41 11.49
N GLY A 830 2.18 -9.09 10.37
CA GLY A 830 1.08 -10.02 10.21
C GLY A 830 1.47 -11.46 10.48
N PHE A 831 2.48 -11.68 11.33
CA PHE A 831 3.09 -13.01 11.46
C PHE A 831 2.18 -14.04 12.11
N PRO A 832 2.02 -15.22 11.50
CA PRO A 832 1.30 -16.29 12.17
C PRO A 832 1.99 -16.68 13.46
N ASP A 833 1.22 -17.26 14.37
CA ASP A 833 1.77 -17.67 15.66
C ASP A 833 2.76 -18.80 15.50
N SER A 834 2.65 -19.59 14.41
CA SER A 834 3.58 -20.68 14.14
C SER A 834 4.90 -20.21 13.57
N TYR A 835 5.02 -18.94 13.18
CA TYR A 835 6.23 -18.45 12.55
C TYR A 835 7.35 -18.37 13.60
N ARG A 836 8.51 -18.96 13.28
CA ARG A 836 9.59 -19.08 14.25
C ARG A 836 10.61 -17.97 14.09
N PHE A 837 11.17 -17.54 15.25
CA PHE A 837 12.26 -16.58 15.34
C PHE A 837 13.38 -17.14 16.18
N PHE A 838 14.49 -16.40 16.26
CA PHE A 838 15.69 -17.04 16.75
C PHE A 838 16.67 -16.04 17.35
N GLY A 839 17.26 -16.41 18.46
CA GLY A 839 18.26 -15.60 19.16
C GLY A 839 17.73 -15.01 20.47
N ASN A 840 18.53 -14.12 21.06
CA ASN A 840 18.03 -13.49 22.28
C ASN A 840 16.90 -12.53 21.94
N ILE A 841 16.24 -12.06 23.00
CA ILE A 841 15.04 -11.26 22.86
C ILE A 841 15.30 -10.05 21.97
N LEU A 842 16.47 -9.42 22.10
CA LEU A 842 16.76 -8.25 21.26
C LEU A 842 16.95 -8.68 19.81
N ASP A 843 17.57 -9.85 19.58
CA ASP A 843 17.66 -10.39 18.22
C ASP A 843 16.27 -10.64 17.61
N ARG A 844 15.34 -11.18 18.40
CA ARG A 844 14.02 -11.52 17.87
C ARG A 844 13.19 -10.27 17.59
N HIS A 845 13.22 -9.29 18.50
CA HIS A 845 12.54 -8.01 18.22
C HIS A 845 13.02 -7.41 16.92
N ARG A 846 14.35 -7.41 16.71
CA ARG A 846 14.93 -6.87 15.48
C ARG A 846 14.37 -7.60 14.26
N GLN A 847 14.37 -8.93 14.27
CA GLN A 847 13.82 -9.67 13.13
C GLN A 847 12.39 -9.27 12.84
N VAL A 848 11.56 -9.11 13.88
CA VAL A 848 10.15 -8.81 13.67
C VAL A 848 9.93 -7.39 13.13
N GLY A 849 10.59 -6.40 13.73
CA GLY A 849 10.42 -5.04 13.27
C GLY A 849 10.92 -4.80 11.86
N ASN A 850 11.91 -5.57 11.43
CA ASN A 850 12.49 -5.40 10.10
C ASN A 850 11.64 -5.98 8.98
N ALA A 851 10.79 -6.98 9.26
CA ALA A 851 10.10 -7.73 8.22
C ALA A 851 9.07 -6.87 7.51
N VAL A 852 8.71 -7.31 6.31
CA VAL A 852 7.55 -6.77 5.61
C VAL A 852 6.37 -7.59 6.13
N PRO A 853 5.32 -6.98 6.62
CA PRO A 853 4.20 -7.77 7.12
C PRO A 853 3.68 -8.69 6.04
N PRO A 854 3.62 -9.99 6.30
CA PRO A 854 3.10 -10.94 5.32
C PRO A 854 1.77 -10.52 4.72
N PRO A 855 0.86 -9.89 5.46
CA PRO A 855 -0.40 -9.48 4.80
C PRO A 855 -0.17 -8.40 3.76
N LEU A 856 0.84 -7.56 3.92
CA LEU A 856 1.13 -6.62 2.85
C LEU A 856 1.76 -7.36 1.70
N ALA A 857 2.76 -8.20 2.01
CA ALA A 857 3.45 -9.04 1.02
C ALA A 857 2.49 -9.94 0.25
N LYS A 858 1.58 -10.60 0.96
CA LYS A 858 0.55 -11.42 0.31
C LYS A 858 -0.25 -10.60 -0.68
N ALA A 859 -0.68 -9.40 -0.24
CA ALA A 859 -1.44 -8.50 -1.09
C ALA A 859 -0.68 -8.23 -2.38
N ILE A 860 0.60 -7.93 -2.28
CA ILE A 860 1.39 -7.74 -3.47
C ILE A 860 1.43 -9.02 -4.29
N GLY A 861 1.57 -10.16 -3.61
CA GLY A 861 1.61 -11.47 -4.27
C GLY A 861 0.40 -11.78 -5.14
N LEU A 862 -0.80 -11.50 -4.65
CA LEU A 862 -1.99 -11.79 -5.46
C LEU A 862 -2.04 -10.93 -6.72
N GLU A 863 -1.54 -9.70 -6.66
CA GLU A 863 -1.48 -8.90 -7.88
C GLU A 863 -0.56 -9.54 -8.92
N ILE A 864 0.63 -10.02 -8.49
CA ILE A 864 1.51 -10.79 -9.38
C ILE A 864 0.84 -12.05 -9.90
N LYS A 865 0.03 -12.68 -9.07
CA LYS A 865 -0.74 -13.87 -9.41
C LYS A 865 -1.63 -13.61 -10.60
N LEU A 866 -2.24 -12.45 -10.66
CA LEU A 866 -3.05 -12.04 -11.81
C LEU A 866 -2.23 -11.98 -13.10
N CYS A 867 -0.94 -11.62 -13.01
CA CYS A 867 -0.07 -11.48 -14.18
C CYS A 867 0.44 -12.80 -14.74
N LEU A 868 0.05 -13.92 -14.15
CA LEU A 868 0.44 -15.25 -14.61
C LEU A 868 -0.71 -15.85 -15.38
N LEU A 869 -1.84 -15.16 -15.40
CA LEU A 869 -3.05 -15.41 -16.18
C LEU A 869 -3.21 -14.22 -17.16
N SER A 870 -4.39 -14.07 -17.76
CA SER A 870 -4.73 -12.97 -18.68
C SER A 870 -4.02 -12.94 -20.03
ZN ZN B . 19.58 23.17 30.32
ZN ZN C . -5.08 9.29 -32.38
#